data_8WT7
#
_entry.id   8WT7
#
_cell.length_a   1.00
_cell.length_b   1.00
_cell.length_c   1.00
_cell.angle_alpha   90.00
_cell.angle_beta   90.00
_cell.angle_gamma   90.00
#
_symmetry.space_group_name_H-M   'P 1'
#
loop_
_entity.id
_entity.type
_entity.pdbx_description
1 polymer 'IS621 transposase'
2 polymer 'bridge RNA'
3 polymer 'target DNA'
4 polymer 'target DNA'
5 polymer 'donor DNA'
6 polymer 'donor DNA'
7 non-polymer 'MAGNESIUM ION'
8 water water
#
loop_
_entity_poly.entity_id
_entity_poly.type
_entity_poly.pdbx_seq_one_letter_code
_entity_poly.pdbx_strand_id
1 'polypeptide(L)'
;GPMEHELHYIGIDTAKEKLDVDVLRPDGRHRTKKFANTTKGHDELVSWLKGHKIDHAHICIEATGTYMEPVAECLYDAGY
IVSVINPALGKAFAQSEGLRNKTDTVDARMLAEFCRQKRPAAWEAPHPLERALRALVVRHQALTDMHTQELNRTETAREV
QRPSIDAHLLWLEAELKRLEKQIKDLTDDDPDMKHRRKLLESIPGIGEKTSAVLLAYIGLKDRFAHARQFAAFAGLTPRR
YESGSSVRGASRMSKAGHVSLRRALYMPAMVATSKTEWGRAFRDRLAANGKKGKVILGAMMRKLAQVAYGVLKSGVPFDA
SRHNPVAA
;
A,B,C,D
2 'polyribonucleotide'
;GGGAGUGCAGAGAAAAUCGGCCAGUUUUCUCUGCCUGCAGUCCGCAUGCCGUAUCGGGCCUUGGGUUCUAACCUGUUCUG
UAGGCUUAUGCAGCGGACUGCCUUUCUCCCAAAGUGAUAAACCGGACAGUAUCAUGGACCGGUUUUCCCGGUAAUCCGUA
UUUACAAGAUUGGUUUCACU
;
E,F
3 'polydeoxyribonucleotide'
;(DG)(DC)(DC)(DG)(DG)(DG)(DT)(DA)(DA)(DT)(DA)(DC)(DC)(DA)(DC)(DC)(DA)(DA)(DG)(DC)
(DC)(DG)(DC)(DC)(DT)(DA)(DC)(DA)(DG)(DA)(DT)(DG)(DA)(DG)(DC)(DT)(DC)(DG)
;
G
4 'polydeoxyribonucleotide'
;(DC)(DG)(DA)(DG)(DC)(DT)(DC)(DA)(DT)(DC)(DT)(DG)(DT)(DA)(DG)(DG)(DC)(DC)(DC)(DG)
(DA)(DT)(DG)(DG)(DT)(DG)(DG)(DT)(DA)(DT)(DT)(DA)(DC)(DC)(DC)(DG)(DG)(DC)
;
H
5 'polydeoxyribonucleotide'
;(DT)(DG)(DC)(DA)(DG)(DG)(DC)(DC)(DA)(DT)(DA)(DA)(DG)(DT)(DC)(DA)(DA)(DT)(DC)(DT)
(DT)(DG)(DT)(DA)(DT)(DT)(DA)(DT)(DC)(DC)(DC)(DT)(DC)(DC)(DA)(DG)(DT)(DG)(DC)(DA)
(DG)(DA)(DG)(DA)
;
I
6 'polydeoxyribonucleotide'
;(DT)(DC)(DT)(DC)(DT)(DG)(DC)(DA)(DC)(DT)(DG)(DG)(DA)(DG)(DG)(DG)(DA)(DT)(DA)(DA)
(DT)(DA)(DC)(DA)(DA)(DG)(DA)(DT)(DA)(DC)(DT)(DG)(DT)(DT)(DA)(DT)(DG)(DG)(DC)(DC)
(DT)(DG)(DC)(DA)
;
J
#
loop_
_chem_comp.id
_chem_comp.type
_chem_comp.name
_chem_comp.formula
A RNA linking ADENOSINE-5'-MONOPHOSPHATE 'C10 H14 N5 O7 P'
C RNA linking CYTIDINE-5'-MONOPHOSPHATE 'C9 H14 N3 O8 P'
DA DNA linking 2'-DEOXYADENOSINE-5'-MONOPHOSPHATE 'C10 H14 N5 O6 P'
DC DNA linking 2'-DEOXYCYTIDINE-5'-MONOPHOSPHATE 'C9 H14 N3 O7 P'
DG DNA linking 2'-DEOXYGUANOSINE-5'-MONOPHOSPHATE 'C10 H14 N5 O7 P'
DT DNA linking THYMIDINE-5'-MONOPHOSPHATE 'C10 H15 N2 O8 P'
G RNA linking GUANOSINE-5'-MONOPHOSPHATE 'C10 H14 N5 O8 P'
MG non-polymer 'MAGNESIUM ION' 'Mg 2'
U RNA linking URIDINE-5'-MONOPHOSPHATE 'C9 H13 N2 O9 P'
#
# COMPACT_ATOMS: atom_id res chain seq x y z
N GLU A 6 12.88 -36.14 31.05
CA GLU A 6 11.66 -36.81 30.53
C GLU A 6 10.51 -35.78 30.52
N LEU A 7 10.63 -34.79 29.63
CA LEU A 7 9.62 -33.75 29.46
C LEU A 7 9.21 -33.71 27.99
N HIS A 8 7.90 -33.89 27.75
CA HIS A 8 7.35 -33.81 26.41
C HIS A 8 7.02 -32.35 26.10
N TYR A 9 6.99 -32.03 24.79
CA TYR A 9 6.60 -30.70 24.34
C TYR A 9 5.40 -30.85 23.41
N ILE A 10 4.33 -30.10 23.72
CA ILE A 10 3.06 -30.26 23.02
C ILE A 10 2.62 -28.92 22.46
N GLY A 11 2.26 -28.91 21.16
CA GLY A 11 1.71 -27.75 20.51
C GLY A 11 0.26 -28.01 20.09
N ILE A 12 -0.62 -27.03 20.33
CA ILE A 12 -2.03 -27.15 19.97
C ILE A 12 -2.41 -25.94 19.12
N ASP A 13 -2.79 -26.20 17.85
CA ASP A 13 -3.46 -25.19 17.04
C ASP A 13 -4.95 -25.35 17.27
N THR A 14 -5.65 -24.22 17.46
CA THR A 14 -7.04 -24.23 17.89
C THR A 14 -7.92 -23.63 16.79
N ALA A 15 -9.12 -24.20 16.65
CA ALA A 15 -10.18 -23.65 15.84
C ALA A 15 -11.47 -23.70 16.65
N LYS A 16 -12.58 -23.19 16.08
CA LYS A 16 -13.86 -23.21 16.76
C LYS A 16 -14.28 -24.65 17.04
N GLU A 17 -14.07 -25.54 16.06
CA GLU A 17 -14.64 -26.88 16.08
C GLU A 17 -13.61 -27.92 16.48
N LYS A 18 -12.38 -27.81 15.98
CA LYS A 18 -11.40 -28.89 16.11
C LYS A 18 -10.12 -28.40 16.79
N LEU A 19 -9.34 -29.37 17.30
CA LEU A 19 -8.00 -29.14 17.82
C LEU A 19 -7.02 -29.97 17.00
N ASP A 20 -5.77 -29.47 16.88
CA ASP A 20 -4.69 -30.19 16.23
C ASP A 20 -3.51 -30.26 17.20
N VAL A 21 -3.23 -31.47 17.69
CA VAL A 21 -2.22 -31.68 18.73
C VAL A 21 -0.99 -32.30 18.09
N ASP A 22 0.19 -31.90 18.58
CA ASP A 22 1.46 -32.47 18.14
C ASP A 22 2.36 -32.65 19.37
N VAL A 23 2.56 -33.92 19.76
CA VAL A 23 3.44 -34.24 20.89
C VAL A 23 4.85 -34.42 20.31
N LEU A 24 5.84 -33.77 20.93
CA LEU A 24 7.24 -33.95 20.60
C LEU A 24 7.92 -34.66 21.77
N ARG A 25 8.38 -35.89 21.53
CA ARG A 25 8.88 -36.76 22.60
C ARG A 25 10.34 -36.39 22.90
N PRO A 26 10.90 -36.76 24.08
CA PRO A 26 12.32 -36.56 24.35
C PRO A 26 13.24 -37.18 23.30
N ASP A 27 12.86 -38.36 22.79
CA ASP A 27 13.66 -39.08 21.80
C ASP A 27 13.66 -38.33 20.47
N GLY A 28 12.67 -37.46 20.25
CA GLY A 28 12.69 -36.52 19.13
C GLY A 28 11.67 -36.87 18.05
N ARG A 29 10.83 -37.88 18.31
CA ARG A 29 9.80 -38.30 17.37
C ARG A 29 8.47 -37.62 17.75
N HIS A 30 7.54 -37.58 16.79
CA HIS A 30 6.28 -36.86 16.93
C HIS A 30 5.10 -37.83 17.01
N ARG A 31 4.11 -37.49 17.83
CA ARG A 31 2.79 -38.12 17.81
C ARG A 31 1.75 -37.02 17.60
N THR A 32 0.79 -37.27 16.68
CA THR A 32 -0.21 -36.29 16.32
C THR A 32 -1.60 -36.93 16.37
N LYS A 33 -2.62 -36.11 16.67
CA LYS A 33 -4.01 -36.53 16.65
C LYS A 33 -4.90 -35.29 16.67
N LYS A 34 -6.10 -35.41 16.08
CA LYS A 34 -7.06 -34.31 16.02
C LYS A 34 -8.23 -34.63 16.96
N PHE A 35 -8.76 -33.59 17.62
CA PHE A 35 -9.84 -33.75 18.58
C PHE A 35 -10.89 -32.67 18.34
N ALA A 36 -12.12 -32.94 18.79
CA ALA A 36 -13.19 -31.95 18.79
C ALA A 36 -12.93 -30.95 19.91
N ASN A 37 -13.24 -29.67 19.65
CA ASN A 37 -13.03 -28.61 20.63
C ASN A 37 -14.27 -28.53 21.52
N THR A 38 -14.51 -29.62 22.26
CA THR A 38 -15.70 -29.79 23.11
C THR A 38 -15.26 -30.44 24.41
N THR A 39 -16.14 -30.41 25.43
CA THR A 39 -15.86 -31.00 26.72
C THR A 39 -15.51 -32.47 26.56
N LYS A 40 -16.26 -33.19 25.72
CA LYS A 40 -16.02 -34.59 25.46
C LYS A 40 -14.66 -34.76 24.77
N GLY A 41 -14.36 -33.88 23.82
CA GLY A 41 -13.09 -33.88 23.10
C GLY A 41 -11.90 -33.66 24.04
N HIS A 42 -12.07 -32.75 25.00
CA HIS A 42 -10.99 -32.36 25.91
C HIS A 42 -10.66 -33.50 26.86
N ASP A 43 -11.65 -34.34 27.17
CA ASP A 43 -11.45 -35.51 28.02
C ASP A 43 -10.70 -36.59 27.24
N GLU A 44 -11.03 -36.75 25.95
CA GLU A 44 -10.33 -37.69 25.07
C GLU A 44 -8.85 -37.33 25.00
N LEU A 45 -8.55 -36.03 24.91
CA LEU A 45 -7.17 -35.56 24.83
C LEU A 45 -6.39 -35.96 26.08
N VAL A 46 -6.97 -35.72 27.27
CA VAL A 46 -6.30 -36.02 28.53
C VAL A 46 -6.09 -37.53 28.64
N SER A 47 -7.06 -38.31 28.16
CA SER A 47 -6.95 -39.77 28.16
C SER A 47 -5.87 -40.23 27.17
N TRP A 48 -5.85 -39.62 25.98
CA TRP A 48 -4.93 -39.99 24.91
C TRP A 48 -3.48 -39.73 25.33
N LEU A 49 -3.25 -38.68 26.13
CA LEU A 49 -1.93 -38.34 26.62
C LEU A 49 -1.48 -39.38 27.65
N LYS A 50 -2.40 -39.79 28.54
CA LYS A 50 -2.09 -40.71 29.61
C LYS A 50 -2.01 -42.15 29.08
N GLY A 51 -2.58 -42.38 27.89
CA GLY A 51 -2.44 -43.64 27.19
C GLY A 51 -1.04 -43.79 26.55
N HIS A 52 -0.34 -42.67 26.37
CA HIS A 52 1.03 -42.66 25.89
C HIS A 52 2.01 -42.43 27.04
N LYS A 53 1.52 -42.57 28.28
CA LYS A 53 2.31 -42.40 29.49
C LYS A 53 3.03 -41.05 29.43
N ILE A 54 2.25 -39.97 29.38
CA ILE A 54 2.78 -38.61 29.42
C ILE A 54 2.25 -37.94 30.68
N ASP A 55 3.11 -37.85 31.71
CA ASP A 55 2.76 -37.23 32.97
C ASP A 55 3.28 -35.79 33.00
N HIS A 56 4.56 -35.61 32.65
CA HIS A 56 5.16 -34.29 32.55
C HIS A 56 5.11 -33.82 31.10
N ALA A 57 4.61 -32.60 30.88
CA ALA A 57 4.61 -31.98 29.57
C ALA A 57 4.46 -30.46 29.70
N HIS A 58 5.15 -29.74 28.81
CA HIS A 58 4.94 -28.30 28.65
C HIS A 58 4.12 -28.08 27.38
N ILE A 59 2.96 -27.44 27.53
CA ILE A 59 2.00 -27.30 26.45
C ILE A 59 1.98 -25.83 26.01
N CYS A 60 1.99 -25.62 24.68
CA CYS A 60 2.07 -24.29 24.11
C CYS A 60 0.89 -24.10 23.15
N ILE A 61 0.18 -22.98 23.32
CA ILE A 61 -1.06 -22.72 22.61
C ILE A 61 -1.19 -21.21 22.42
N GLU A 62 -1.66 -20.78 21.24
CA GLU A 62 -1.72 -19.37 20.89
C GLU A 62 -3.08 -18.81 21.29
N ALA A 63 -3.08 -17.56 21.78
CA ALA A 63 -4.31 -16.88 22.13
C ALA A 63 -5.15 -16.63 20.88
N THR A 64 -6.27 -17.35 20.78
CA THR A 64 -7.08 -17.44 19.58
C THR A 64 -8.54 -17.20 19.96
N GLY A 65 -8.91 -15.92 20.08
CA GLY A 65 -10.20 -15.58 20.64
C GLY A 65 -10.35 -16.17 22.04
N THR A 66 -11.48 -16.86 22.27
CA THR A 66 -11.73 -17.54 23.54
C THR A 66 -11.88 -19.03 23.28
N TYR A 67 -11.52 -19.49 22.08
CA TYR A 67 -11.77 -20.86 21.65
C TYR A 67 -10.74 -21.81 22.24
N MET A 68 -9.70 -21.28 22.89
CA MET A 68 -8.67 -22.11 23.48
C MET A 68 -8.68 -22.01 25.01
N GLU A 69 -9.62 -21.23 25.57
CA GLU A 69 -9.65 -21.01 27.00
C GLU A 69 -10.07 -22.30 27.74
N PRO A 70 -11.13 -23.04 27.31
CA PRO A 70 -11.52 -24.28 27.99
C PRO A 70 -10.42 -25.34 28.04
N VAL A 71 -9.74 -25.59 26.91
CA VAL A 71 -8.75 -26.65 26.82
C VAL A 71 -7.53 -26.28 27.66
N ALA A 72 -7.19 -24.98 27.70
CA ALA A 72 -6.07 -24.51 28.50
C ALA A 72 -6.33 -24.79 29.99
N GLU A 73 -7.57 -24.56 30.43
CA GLU A 73 -7.97 -24.78 31.80
C GLU A 73 -8.03 -26.28 32.10
N CYS A 74 -8.46 -27.06 31.10
CA CYS A 74 -8.59 -28.51 31.24
C CYS A 74 -7.23 -29.15 31.49
N LEU A 75 -6.20 -28.70 30.75
CA LEU A 75 -4.87 -29.28 30.83
C LEU A 75 -4.15 -28.79 32.08
N TYR A 76 -4.42 -27.55 32.49
CA TYR A 76 -3.85 -26.99 33.71
C TYR A 76 -4.31 -27.81 34.91
N ASP A 77 -5.58 -28.23 34.90
CA ASP A 77 -6.15 -29.03 35.98
C ASP A 77 -5.55 -30.44 35.97
N ALA A 78 -5.28 -30.97 34.77
CA ALA A 78 -4.70 -32.29 34.61
C ALA A 78 -3.27 -32.32 35.17
N GLY A 79 -2.66 -31.14 35.35
CA GLY A 79 -1.38 -31.02 36.03
C GLY A 79 -0.26 -30.61 35.09
N TYR A 80 -0.57 -30.44 33.80
CA TYR A 80 0.44 -30.09 32.80
C TYR A 80 0.78 -28.61 32.90
N ILE A 81 1.98 -28.25 32.44
CA ILE A 81 2.41 -26.87 32.33
C ILE A 81 1.86 -26.31 31.03
N VAL A 82 1.18 -25.16 31.09
CA VAL A 82 0.53 -24.57 29.94
C VAL A 82 1.10 -23.18 29.73
N SER A 83 1.39 -22.85 28.46
CA SER A 83 1.76 -21.50 28.07
C SER A 83 0.81 -21.03 26.97
N VAL A 84 0.22 -19.85 27.17
CA VAL A 84 -0.62 -19.22 26.17
C VAL A 84 0.17 -18.05 25.59
N ILE A 85 0.64 -18.20 24.35
CA ILE A 85 1.59 -17.25 23.79
C ILE A 85 0.85 -16.23 22.92
N ASN A 86 1.40 -15.01 22.88
CA ASN A 86 0.90 -13.96 22.01
C ASN A 86 1.12 -14.40 20.57
N PRO A 87 0.08 -14.47 19.71
CA PRO A 87 0.22 -15.09 18.41
C PRO A 87 1.13 -14.34 17.44
N ALA A 88 1.41 -13.06 17.73
CA ALA A 88 2.39 -12.30 16.96
C ALA A 88 3.77 -12.92 17.10
N LEU A 89 4.07 -13.49 18.27
CA LEU A 89 5.34 -14.17 18.49
C LEU A 89 5.39 -15.44 17.65
N GLY A 90 4.29 -16.19 17.66
CA GLY A 90 4.18 -17.43 16.90
C GLY A 90 4.49 -17.21 15.43
N LYS A 91 3.92 -16.15 14.84
CA LYS A 91 4.12 -15.85 13.43
C LYS A 91 5.59 -15.61 13.15
N ALA A 92 6.24 -14.76 13.97
CA ALA A 92 7.63 -14.41 13.78
C ALA A 92 8.51 -15.66 13.88
N PHE A 93 8.16 -16.57 14.80
CA PHE A 93 8.92 -17.80 14.99
C PHE A 93 8.83 -18.66 13.73
N ALA A 94 7.62 -18.78 13.15
CA ALA A 94 7.42 -19.58 11.96
C ALA A 94 8.29 -19.05 10.81
N GLN A 95 8.45 -17.72 10.74
CA GLN A 95 9.33 -17.09 9.77
C GLN A 95 10.79 -17.42 10.08
N SER A 96 11.17 -17.36 11.36
CA SER A 96 12.53 -17.66 11.78
C SER A 96 12.89 -19.11 11.44
N GLU A 97 11.86 -19.97 11.43
CA GLU A 97 12.04 -21.40 11.19
C GLU A 97 12.09 -21.67 9.69
N GLY A 98 11.70 -20.67 8.88
CA GLY A 98 11.86 -20.73 7.44
C GLY A 98 10.75 -21.55 6.77
N LEU A 99 9.54 -21.54 7.35
CA LEU A 99 8.43 -22.34 6.85
C LEU A 99 7.83 -21.66 5.64
N ARG A 100 7.35 -22.48 4.68
CA ARG A 100 6.85 -21.99 3.40
C ARG A 100 5.36 -22.28 3.24
N ASN A 101 4.72 -22.88 4.25
CA ASN A 101 3.29 -23.17 4.20
C ASN A 101 2.66 -22.88 5.57
N LYS A 102 1.35 -22.63 5.57
CA LYS A 102 0.58 -22.46 6.79
C LYS A 102 -0.66 -23.35 6.75
N THR A 103 -0.67 -24.37 7.63
CA THR A 103 -1.81 -25.26 7.78
C THR A 103 -1.98 -25.54 9.28
N ASP A 104 -3.07 -26.23 9.65
CA ASP A 104 -3.35 -26.54 11.05
C ASP A 104 -2.38 -27.60 11.57
N THR A 105 -1.84 -28.44 10.67
CA THR A 105 -0.92 -29.49 11.04
C THR A 105 0.48 -28.90 11.23
N VAL A 106 0.84 -27.94 10.37
CA VAL A 106 2.13 -27.28 10.42
C VAL A 106 2.23 -26.44 11.69
N ASP A 107 1.14 -25.75 12.05
CA ASP A 107 1.13 -24.83 13.17
C ASP A 107 1.25 -25.58 14.50
N ALA A 108 0.63 -26.77 14.60
CA ALA A 108 0.70 -27.56 15.82
C ALA A 108 2.13 -28.03 16.05
N ARG A 109 2.85 -28.35 14.96
CA ARG A 109 4.23 -28.81 15.03
C ARG A 109 5.14 -27.61 15.34
N MET A 110 4.80 -26.44 14.78
CA MET A 110 5.54 -25.21 14.98
C MET A 110 5.48 -24.78 16.45
N LEU A 111 4.35 -25.05 17.11
CA LEU A 111 4.15 -24.63 18.49
C LEU A 111 4.90 -25.55 19.46
N ALA A 112 5.09 -26.82 19.08
CA ALA A 112 5.83 -27.75 19.92
C ALA A 112 7.31 -27.40 19.92
N GLU A 113 7.83 -26.94 18.77
CA GLU A 113 9.21 -26.49 18.66
C GLU A 113 9.39 -25.17 19.39
N PHE A 114 8.44 -24.24 19.22
CA PHE A 114 8.44 -22.98 19.95
C PHE A 114 8.59 -23.27 21.44
N CYS A 115 7.82 -24.25 21.92
CA CYS A 115 7.82 -24.62 23.32
C CYS A 115 9.21 -25.12 23.74
N ARG A 116 9.81 -25.98 22.91
CA ARG A 116 11.08 -26.62 23.24
C ARG A 116 12.20 -25.57 23.25
N GLN A 117 12.20 -24.67 22.25
CA GLN A 117 13.31 -23.76 22.03
C GLN A 117 13.23 -22.57 22.99
N LYS A 118 12.04 -21.97 23.13
CA LYS A 118 11.88 -20.73 23.87
C LYS A 118 11.64 -20.98 25.35
N ARG A 119 11.05 -22.14 25.68
CA ARG A 119 10.64 -22.45 27.05
C ARG A 119 9.86 -21.28 27.65
N PRO A 120 8.68 -20.91 27.09
CA PRO A 120 7.99 -19.70 27.53
C PRO A 120 7.40 -19.83 28.94
N ALA A 121 7.09 -18.67 29.55
CA ALA A 121 6.60 -18.62 30.92
C ALA A 121 5.24 -19.31 31.01
N ALA A 122 4.97 -19.91 32.18
CA ALA A 122 3.74 -20.65 32.40
C ALA A 122 2.56 -19.68 32.52
N TRP A 123 1.35 -20.19 32.22
CA TRP A 123 0.13 -19.42 32.24
C TRP A 123 -0.71 -19.82 33.44
N GLU A 124 -1.31 -18.83 34.10
CA GLU A 124 -2.12 -19.04 35.28
C GLU A 124 -3.55 -18.58 34.99
N ALA A 125 -4.52 -19.47 35.22
CA ALA A 125 -5.92 -19.14 35.00
C ALA A 125 -6.33 -18.04 35.99
N PRO A 126 -6.98 -16.95 35.53
CA PRO A 126 -7.35 -15.86 36.43
C PRO A 126 -8.45 -16.24 37.43
N HIS A 127 -8.54 -15.46 38.52
CA HIS A 127 -9.52 -15.68 39.57
C HIS A 127 -10.92 -15.40 38.99
N PRO A 128 -11.97 -16.16 39.38
CA PRO A 128 -13.32 -15.86 38.91
C PRO A 128 -13.75 -14.40 39.04
N LEU A 129 -13.31 -13.74 40.12
CA LEU A 129 -13.63 -12.33 40.36
C LEU A 129 -12.91 -11.44 39.35
N GLU A 130 -11.63 -11.75 39.09
CA GLU A 130 -10.86 -11.03 38.09
C GLU A 130 -11.51 -11.19 36.72
N ARG A 131 -12.01 -12.40 36.45
CA ARG A 131 -12.58 -12.76 35.16
C ARG A 131 -13.93 -12.07 34.98
N ALA A 132 -14.67 -11.90 36.08
CA ALA A 132 -15.96 -11.23 36.06
C ALA A 132 -15.77 -9.72 35.96
N LEU A 133 -14.85 -9.16 36.74
CA LEU A 133 -14.62 -7.72 36.77
C LEU A 133 -14.21 -7.24 35.37
N ARG A 134 -13.35 -8.00 34.69
CA ARG A 134 -12.89 -7.60 33.36
C ARG A 134 -14.05 -7.70 32.37
N ALA A 135 -14.89 -8.73 32.52
CA ALA A 135 -16.03 -8.91 31.63
C ALA A 135 -16.96 -7.69 31.69
N LEU A 136 -17.23 -7.21 32.91
CA LEU A 136 -18.15 -6.10 33.12
C LEU A 136 -17.54 -4.81 32.56
N VAL A 137 -16.24 -4.62 32.78
CA VAL A 137 -15.56 -3.40 32.40
C VAL A 137 -15.55 -3.25 30.87
N VAL A 138 -15.32 -4.36 30.16
CA VAL A 138 -15.21 -4.30 28.70
C VAL A 138 -16.60 -4.13 28.11
N ARG A 139 -17.62 -4.68 28.77
CA ARG A 139 -19.01 -4.50 28.35
C ARG A 139 -19.40 -3.03 28.53
N HIS A 140 -18.95 -2.42 29.63
CA HIS A 140 -19.22 -1.02 29.92
C HIS A 140 -18.65 -0.10 28.83
N GLN A 141 -17.46 -0.43 28.33
N GLN A 141 -17.46 -0.44 28.33
CA GLN A 141 -16.83 0.36 27.28
CA GLN A 141 -16.81 0.33 27.29
C GLN A 141 -17.60 0.19 25.98
C GLN A 141 -17.55 0.17 25.97
N ALA A 142 -18.08 -1.04 25.72
CA ALA A 142 -18.85 -1.34 24.52
C ALA A 142 -20.09 -0.45 24.45
N LEU A 143 -20.80 -0.32 25.59
CA LEU A 143 -22.01 0.50 25.65
C LEU A 143 -21.65 1.99 25.56
N THR A 144 -20.51 2.38 26.13
CA THR A 144 -20.07 3.77 26.06
C THR A 144 -19.82 4.15 24.61
N ASP A 145 -19.18 3.25 23.85
CA ASP A 145 -18.89 3.48 22.44
C ASP A 145 -20.20 3.66 21.66
N MET A 146 -21.21 2.84 21.98
CA MET A 146 -22.49 2.88 21.29
C MET A 146 -23.25 4.15 21.68
N HIS A 147 -23.14 4.58 22.94
CA HIS A 147 -23.77 5.81 23.39
C HIS A 147 -23.15 7.01 22.67
N THR A 148 -21.82 6.98 22.49
CA THR A 148 -21.10 8.05 21.81
C THR A 148 -21.53 8.12 20.34
N GLN A 149 -21.81 6.95 19.73
CA GLN A 149 -22.27 6.90 18.35
C GLN A 149 -23.58 7.67 18.21
N GLU A 150 -24.55 7.35 19.06
CA GLU A 150 -25.88 7.92 18.98
C GLU A 150 -25.85 9.40 19.36
N LEU A 151 -24.84 9.80 20.14
CA LEU A 151 -24.70 11.19 20.56
C LEU A 151 -24.12 12.02 19.42
N ASN A 152 -23.20 11.43 18.66
CA ASN A 152 -22.71 12.04 17.42
C ASN A 152 -23.86 12.30 16.46
N ARG A 153 -24.84 11.40 16.42
CA ARG A 153 -25.88 11.44 15.41
C ARG A 153 -26.81 12.64 15.64
N THR A 154 -27.00 13.05 16.90
CA THR A 154 -27.91 14.13 17.22
C THR A 154 -27.43 15.43 16.57
N GLU A 155 -26.12 15.55 16.34
CA GLU A 155 -25.54 16.75 15.74
C GLU A 155 -26.22 17.05 14.40
N THR A 156 -26.37 16.02 13.56
CA THR A 156 -26.82 16.20 12.18
C THR A 156 -28.15 15.48 11.92
N ALA A 157 -28.82 15.01 12.99
CA ALA A 157 -29.99 14.18 12.83
C ALA A 157 -31.11 14.95 12.16
N ARG A 158 -31.80 14.31 11.22
CA ARG A 158 -33.04 14.84 10.65
C ARG A 158 -34.12 14.73 11.71
N GLU A 159 -35.12 15.62 11.65
CA GLU A 159 -36.12 15.76 12.69
C GLU A 159 -36.87 14.44 12.92
N VAL A 160 -37.15 13.69 11.83
CA VAL A 160 -37.94 12.48 11.89
C VAL A 160 -37.15 11.35 12.55
N GLN A 161 -35.82 11.48 12.60
CA GLN A 161 -34.95 10.47 13.19
C GLN A 161 -34.79 10.68 14.69
N ARG A 162 -35.07 11.89 15.19
CA ARG A 162 -34.68 12.27 16.55
C ARG A 162 -35.45 11.47 17.61
N PRO A 163 -36.77 11.21 17.47
CA PRO A 163 -37.46 10.37 18.45
C PRO A 163 -36.80 9.01 18.68
N SER A 164 -36.31 8.40 17.60
CA SER A 164 -35.64 7.11 17.67
C SER A 164 -34.32 7.24 18.44
N ILE A 165 -33.53 8.26 18.11
CA ILE A 165 -32.20 8.42 18.67
C ILE A 165 -32.33 8.75 20.16
N ASP A 166 -33.27 9.65 20.50
CA ASP A 166 -33.51 10.02 21.88
C ASP A 166 -33.89 8.79 22.70
N ALA A 167 -34.77 7.95 22.16
CA ALA A 167 -35.23 6.75 22.83
C ALA A 167 -34.05 5.84 23.15
N HIS A 168 -33.11 5.71 22.20
CA HIS A 168 -31.98 4.81 22.36
C HIS A 168 -31.01 5.37 23.41
N LEU A 169 -30.83 6.70 23.42
CA LEU A 169 -29.92 7.34 24.37
C LEU A 169 -30.43 7.13 25.79
N LEU A 170 -31.75 7.22 26.01
CA LEU A 170 -32.31 6.98 27.33
C LEU A 170 -32.01 5.55 27.77
N TRP A 171 -32.23 4.57 26.87
CA TRP A 171 -32.06 3.17 27.20
C TRP A 171 -30.59 2.88 27.57
N LEU A 172 -29.66 3.45 26.79
CA LEU A 172 -28.24 3.19 26.97
C LEU A 172 -27.76 3.80 28.29
N GLU A 173 -28.23 5.02 28.60
CA GLU A 173 -27.83 5.70 29.82
C GLU A 173 -28.29 4.91 31.04
N ALA A 174 -29.50 4.35 30.97
CA ALA A 174 -30.06 3.56 32.05
C ALA A 174 -29.24 2.28 32.26
N GLU A 175 -28.85 1.66 31.14
CA GLU A 175 -28.09 0.40 31.17
C GLU A 175 -26.68 0.65 31.72
N LEU A 176 -26.09 1.81 31.37
CA LEU A 176 -24.75 2.14 31.83
C LEU A 176 -24.73 2.32 33.35
N LYS A 177 -25.81 2.84 33.93
CA LYS A 177 -25.89 2.96 35.39
C LYS A 177 -26.02 1.58 36.03
N ARG A 178 -26.75 0.67 35.37
CA ARG A 178 -26.99 -0.66 35.91
C ARG A 178 -25.65 -1.40 36.06
N LEU A 179 -24.77 -1.26 35.07
CA LEU A 179 -23.46 -1.91 35.08
C LEU A 179 -22.56 -1.28 36.13
N GLU A 180 -22.58 0.05 36.21
CA GLU A 180 -21.74 0.78 37.16
C GLU A 180 -22.06 0.30 38.58
N LYS A 181 -23.34 -0.01 38.85
CA LYS A 181 -23.75 -0.52 40.15
C LYS A 181 -23.29 -1.98 40.29
N GLN A 182 -23.38 -2.74 39.20
CA GLN A 182 -22.99 -4.14 39.19
C GLN A 182 -21.49 -4.28 39.46
N ILE A 183 -20.70 -3.31 38.96
CA ILE A 183 -19.25 -3.30 39.16
C ILE A 183 -18.97 -2.91 40.60
N LYS A 184 -19.70 -1.91 41.13
CA LYS A 184 -19.53 -1.45 42.49
C LYS A 184 -19.83 -2.58 43.47
N ASP A 185 -20.91 -3.33 43.20
CA ASP A 185 -21.32 -4.43 44.07
C ASP A 185 -20.26 -5.53 44.08
N LEU A 186 -19.60 -5.74 42.94
CA LEU A 186 -18.60 -6.80 42.80
C LEU A 186 -17.36 -6.47 43.63
N THR A 187 -16.94 -5.19 43.60
CA THR A 187 -15.72 -4.77 44.29
C THR A 187 -16.06 -4.20 45.66
N ASP A 188 -17.20 -4.64 46.24
CA ASP A 188 -17.53 -4.35 47.63
C ASP A 188 -17.66 -5.65 48.42
N ASP A 189 -18.14 -6.71 47.77
CA ASP A 189 -18.29 -8.02 48.40
C ASP A 189 -16.92 -8.57 48.78
N ASP A 190 -15.96 -8.47 47.86
CA ASP A 190 -14.60 -8.93 48.09
C ASP A 190 -13.84 -7.89 48.91
N PRO A 191 -13.30 -8.23 50.12
CA PRO A 191 -12.56 -7.27 50.92
C PRO A 191 -11.27 -6.77 50.27
N ASP A 192 -10.59 -7.63 49.49
CA ASP A 192 -9.32 -7.30 48.87
C ASP A 192 -9.53 -6.21 47.81
N MET A 193 -10.52 -6.41 46.93
CA MET A 193 -10.78 -5.48 45.84
C MET A 193 -11.30 -4.15 46.38
N LYS A 194 -12.08 -4.20 47.46
CA LYS A 194 -12.63 -3.00 48.07
C LYS A 194 -11.50 -2.08 48.53
N HIS A 195 -10.49 -2.67 49.20
CA HIS A 195 -9.36 -1.91 49.71
C HIS A 195 -8.54 -1.34 48.56
N ARG A 196 -8.24 -2.19 47.58
CA ARG A 196 -7.36 -1.83 46.47
C ARG A 196 -8.00 -0.74 45.61
N ARG A 197 -9.32 -0.79 45.44
CA ARG A 197 -10.04 0.20 44.64
C ARG A 197 -10.03 1.55 45.35
N LYS A 198 -10.12 1.53 46.68
CA LYS A 198 -10.10 2.74 47.49
C LYS A 198 -8.72 3.40 47.41
N LEU A 199 -7.67 2.58 47.32
CA LEU A 199 -6.30 3.07 47.23
C LEU A 199 -6.08 3.77 45.89
N LEU A 200 -6.64 3.20 44.80
CA LEU A 200 -6.44 3.72 43.47
C LEU A 200 -7.12 5.09 43.33
N GLU A 201 -8.30 5.24 43.93
CA GLU A 201 -9.08 6.46 43.83
C GLU A 201 -8.40 7.61 44.57
N SER A 202 -7.52 7.30 45.54
CA SER A 202 -6.81 8.30 46.31
C SER A 202 -5.86 9.11 45.42
N ILE A 203 -5.48 8.57 44.26
CA ILE A 203 -4.64 9.29 43.32
C ILE A 203 -5.47 10.41 42.70
N PRO A 204 -5.03 11.69 42.74
CA PRO A 204 -5.72 12.76 42.02
C PRO A 204 -5.64 12.58 40.50
N GLY A 205 -6.81 12.41 39.87
CA GLY A 205 -6.90 12.15 38.44
C GLY A 205 -7.60 10.83 38.13
N ILE A 206 -7.77 9.98 39.15
CA ILE A 206 -8.40 8.67 38.99
C ILE A 206 -9.69 8.64 39.80
N GLY A 207 -10.79 8.27 39.14
CA GLY A 207 -12.11 8.23 39.76
C GLY A 207 -12.71 6.83 39.70
N GLU A 208 -14.04 6.75 39.87
CA GLU A 208 -14.77 5.49 39.92
C GLU A 208 -14.50 4.64 38.68
N LYS A 209 -14.54 5.25 37.50
CA LYS A 209 -14.48 4.50 36.26
C LYS A 209 -13.07 3.97 36.02
N THR A 210 -12.05 4.83 36.17
CA THR A 210 -10.69 4.45 35.87
C THR A 210 -10.19 3.42 36.87
N SER A 211 -10.64 3.53 38.14
CA SER A 211 -10.19 2.63 39.18
C SER A 211 -10.53 1.19 38.80
N ALA A 212 -11.78 0.96 38.38
CA ALA A 212 -12.26 -0.37 38.03
C ALA A 212 -11.53 -0.92 36.80
N VAL A 213 -11.15 -0.05 35.86
CA VAL A 213 -10.43 -0.48 34.66
C VAL A 213 -9.05 -0.96 35.10
N LEU A 214 -8.36 -0.17 35.93
CA LEU A 214 -7.01 -0.50 36.37
C LEU A 214 -7.03 -1.79 37.18
N LEU A 215 -8.06 -1.97 38.01
CA LEU A 215 -8.18 -3.13 38.87
C LEU A 215 -8.40 -4.39 38.02
N ALA A 216 -9.03 -4.24 36.85
CA ALA A 216 -9.37 -5.37 35.99
C ALA A 216 -8.11 -5.93 35.32
N TYR A 217 -7.12 -5.08 35.04
CA TYR A 217 -5.92 -5.50 34.31
C TYR A 217 -4.78 -5.84 35.27
N ILE A 218 -4.67 -5.13 36.40
CA ILE A 218 -3.68 -5.44 37.41
C ILE A 218 -4.07 -6.74 38.11
N GLY A 219 -5.35 -6.85 38.50
CA GLY A 219 -5.86 -8.04 39.15
C GLY A 219 -5.63 -8.01 40.66
N LEU A 220 -5.92 -9.14 41.32
CA LEU A 220 -5.81 -9.28 42.76
C LEU A 220 -4.34 -9.35 43.17
N LYS A 221 -3.62 -10.34 42.63
CA LYS A 221 -2.25 -10.61 43.04
C LYS A 221 -1.28 -9.74 42.22
N ASP A 222 -0.10 -9.49 42.80
CA ASP A 222 0.92 -8.67 42.16
C ASP A 222 1.69 -9.53 41.16
N ARG A 223 1.25 -9.50 39.89
CA ARG A 223 1.79 -10.38 38.86
C ARG A 223 2.78 -9.63 37.96
N PHE A 224 3.09 -8.37 38.32
CA PHE A 224 4.16 -7.63 37.66
C PHE A 224 5.26 -7.36 38.70
N ALA A 225 6.52 -7.49 38.27
CA ALA A 225 7.66 -7.34 39.15
C ALA A 225 8.00 -5.86 39.33
N HIS A 226 7.94 -5.10 38.23
CA HIS A 226 8.32 -3.69 38.22
C HIS A 226 7.19 -2.86 37.63
N ALA A 227 7.28 -1.53 37.78
CA ALA A 227 6.22 -0.62 37.37
C ALA A 227 6.22 -0.43 35.86
N ARG A 228 7.41 -0.38 35.25
CA ARG A 228 7.52 -0.16 33.81
C ARG A 228 6.98 -1.37 33.05
N GLN A 229 7.02 -2.55 33.69
CA GLN A 229 6.43 -3.74 33.09
C GLN A 229 4.93 -3.55 32.89
N PHE A 230 4.26 -2.95 33.88
CA PHE A 230 2.84 -2.67 33.77
C PHE A 230 2.59 -1.57 32.73
N ALA A 231 3.50 -0.59 32.67
CA ALA A 231 3.38 0.49 31.68
C ALA A 231 3.56 -0.05 30.27
N ALA A 232 4.39 -1.09 30.11
CA ALA A 232 4.61 -1.73 28.82
C ALA A 232 3.38 -2.57 28.44
N PHE A 233 2.74 -3.16 29.46
CA PHE A 233 1.58 -4.02 29.27
C PHE A 233 0.41 -3.21 28.69
N ALA A 234 0.36 -1.91 28.97
CA ALA A 234 -0.66 -1.03 28.42
C ALA A 234 -0.25 -0.50 27.05
N GLY A 235 1.05 -0.54 26.73
CA GLY A 235 1.56 -0.06 25.46
C GLY A 235 1.95 1.42 25.53
N LEU A 236 2.39 1.87 26.71
CA LEU A 236 2.62 3.29 26.96
C LEU A 236 4.12 3.62 26.90
N THR A 237 5.00 2.61 27.01
CA THR A 237 6.44 2.84 26.94
C THR A 237 6.82 3.09 25.48
N PRO A 238 7.64 4.12 25.17
CA PRO A 238 8.01 4.41 23.79
C PRO A 238 9.06 3.45 23.22
N ARG A 239 9.19 3.46 21.89
CA ARG A 239 10.20 2.68 21.20
C ARG A 239 10.52 3.35 19.84
N ARG A 252 5.83 7.15 18.35
CA ARG A 252 6.97 6.43 18.98
C ARG A 252 6.47 5.50 20.08
N MET A 253 5.32 5.81 20.69
CA MET A 253 4.63 4.89 21.58
C MET A 253 4.41 3.56 20.86
N SER A 254 4.72 2.46 21.56
CA SER A 254 4.79 1.14 20.94
C SER A 254 3.40 0.68 20.49
N LYS A 255 2.38 0.97 21.30
CA LYS A 255 1.01 0.54 21.07
C LYS A 255 0.89 -0.97 21.25
N ALA A 256 1.98 -1.63 21.66
CA ALA A 256 2.02 -3.08 21.78
C ALA A 256 1.53 -3.48 23.17
N GLY A 257 0.23 -3.32 23.39
CA GLY A 257 -0.38 -3.63 24.67
C GLY A 257 -1.89 -3.44 24.62
N HIS A 258 -2.56 -3.62 25.76
CA HIS A 258 -4.01 -3.56 25.82
C HIS A 258 -4.48 -2.15 25.48
N VAL A 259 -5.26 -2.05 24.40
CA VAL A 259 -5.76 -0.78 23.89
C VAL A 259 -6.86 -0.26 24.82
N SER A 260 -7.62 -1.17 25.44
CA SER A 260 -8.69 -0.81 26.35
C SER A 260 -8.16 -0.17 27.62
N LEU A 261 -6.92 -0.50 27.98
CA LEU A 261 -6.28 0.05 29.18
C LEU A 261 -5.65 1.40 28.86
N ARG A 262 -5.05 1.52 27.67
CA ARG A 262 -4.44 2.76 27.21
C ARG A 262 -5.53 3.81 27.00
N ARG A 263 -6.59 3.41 26.28
CA ARG A 263 -7.80 4.20 26.11
C ARG A 263 -8.17 4.93 27.40
N ALA A 264 -8.24 4.18 28.51
CA ALA A 264 -8.92 4.60 29.71
C ALA A 264 -8.15 5.69 30.47
N LEU A 265 -6.89 5.93 30.11
CA LEU A 265 -6.01 6.78 30.90
C LEU A 265 -5.90 8.19 30.33
N TYR A 266 -6.43 8.42 29.12
CA TYR A 266 -6.21 9.68 28.42
C TYR A 266 -6.90 10.85 29.14
N MET A 267 -8.18 10.70 29.47
CA MET A 267 -8.93 11.78 30.11
C MET A 267 -8.49 11.92 31.57
N PRO A 268 -8.23 10.84 32.34
CA PRO A 268 -7.55 10.96 33.63
C PRO A 268 -6.25 11.75 33.57
N ALA A 269 -5.44 11.51 32.54
CA ALA A 269 -4.19 12.22 32.35
C ALA A 269 -4.45 13.72 32.18
N MET A 270 -5.49 14.04 31.41
CA MET A 270 -5.78 15.41 31.02
C MET A 270 -6.23 16.23 32.22
N VAL A 271 -7.08 15.65 33.08
CA VAL A 271 -7.57 16.33 34.27
C VAL A 271 -6.41 16.48 35.27
N ALA A 272 -5.49 15.52 35.27
CA ALA A 272 -4.37 15.54 36.21
C ALA A 272 -3.43 16.70 35.89
N THR A 273 -3.00 16.80 34.62
CA THR A 273 -2.08 17.85 34.22
C THR A 273 -2.74 19.22 34.35
N SER A 274 -4.08 19.28 34.28
CA SER A 274 -4.81 20.54 34.27
C SER A 274 -5.15 21.00 35.69
N LYS A 275 -5.74 20.12 36.51
CA LYS A 275 -6.42 20.55 37.72
C LYS A 275 -5.92 19.80 38.97
N THR A 276 -4.65 19.39 38.99
CA THR A 276 -4.05 18.81 40.18
C THR A 276 -2.68 19.44 40.42
N GLU A 277 -2.20 19.37 41.66
CA GLU A 277 -0.93 19.95 42.05
C GLU A 277 0.21 19.14 41.43
N TRP A 278 0.20 17.82 41.66
CA TRP A 278 1.29 16.95 41.25
C TRP A 278 1.31 16.80 39.72
N GLY A 279 0.13 16.92 39.09
CA GLY A 279 0.02 16.86 37.65
C GLY A 279 0.58 18.11 36.98
N ARG A 280 0.18 19.29 37.47
CA ARG A 280 0.68 20.56 36.95
C ARG A 280 2.19 20.62 37.13
N ALA A 281 2.69 20.17 38.29
CA ALA A 281 4.12 20.11 38.55
C ALA A 281 4.82 19.30 37.46
N PHE A 282 4.22 18.17 37.06
CA PHE A 282 4.76 17.31 36.02
C PHE A 282 4.67 18.02 34.67
N ARG A 283 3.51 18.63 34.38
CA ARG A 283 3.29 19.34 33.13
C ARG A 283 4.33 20.44 32.95
N ASP A 284 4.53 21.23 34.01
CA ASP A 284 5.40 22.40 33.97
C ASP A 284 6.84 21.98 33.70
N ARG A 285 7.27 20.88 34.32
CA ARG A 285 8.64 20.37 34.16
C ARG A 285 8.93 20.10 32.69
N LEU A 286 8.00 19.40 32.01
CA LEU A 286 8.18 19.02 30.61
C LEU A 286 7.95 20.23 29.71
N ALA A 287 7.10 21.17 30.16
CA ALA A 287 6.87 22.41 29.43
C ALA A 287 8.14 23.25 29.38
N ALA A 288 8.91 23.22 30.48
CA ALA A 288 10.17 23.95 30.57
C ALA A 288 11.20 23.38 29.58
N ASN A 289 11.20 22.06 29.41
CA ASN A 289 12.14 21.39 28.52
C ASN A 289 11.64 21.46 27.07
N GLY A 290 10.40 21.92 26.87
CA GLY A 290 9.88 22.20 25.54
C GLY A 290 9.25 20.97 24.91
N LYS A 291 8.12 20.54 25.48
CA LYS A 291 7.36 19.40 24.98
C LYS A 291 5.97 19.86 24.57
N LYS A 292 5.40 19.19 23.55
CA LYS A 292 4.09 19.55 23.01
C LYS A 292 3.01 19.03 23.95
N GLY A 293 1.76 19.47 23.72
CA GLY A 293 0.63 19.15 24.58
C GLY A 293 0.42 17.64 24.73
N LYS A 294 0.24 16.95 23.60
CA LYS A 294 -0.09 15.54 23.60
C LYS A 294 1.11 14.69 24.05
N VAL A 295 2.33 15.21 23.86
CA VAL A 295 3.54 14.53 24.32
C VAL A 295 3.50 14.45 25.84
N ILE A 296 3.02 15.53 26.49
CA ILE A 296 2.94 15.58 27.95
C ILE A 296 1.83 14.63 28.42
N LEU A 297 0.72 14.55 27.65
CA LEU A 297 -0.38 13.66 27.99
C LEU A 297 0.08 12.21 27.88
N GLY A 298 0.72 11.87 26.74
CA GLY A 298 1.33 10.56 26.55
C GLY A 298 2.23 10.19 27.73
N ALA A 299 3.02 11.17 28.19
CA ALA A 299 3.93 10.98 29.31
C ALA A 299 3.16 10.77 30.61
N MET A 300 2.06 11.50 30.80
CA MET A 300 1.28 11.42 32.03
C MET A 300 0.53 10.09 32.09
N MET A 301 0.10 9.58 30.93
CA MET A 301 -0.57 8.29 30.86
C MET A 301 0.36 7.20 31.38
N ARG A 302 1.63 7.22 30.93
CA ARG A 302 2.63 6.27 31.40
C ARG A 302 2.83 6.43 32.91
N LYS A 303 2.92 7.68 33.39
CA LYS A 303 3.19 7.94 34.79
C LYS A 303 2.03 7.46 35.65
N LEU A 304 0.79 7.71 35.21
CA LEU A 304 -0.39 7.29 35.94
C LEU A 304 -0.39 5.78 36.10
N ALA A 305 -0.07 5.06 35.00
CA ALA A 305 0.01 3.60 35.03
C ALA A 305 1.00 3.14 36.10
N GLN A 306 2.21 3.74 36.10
CA GLN A 306 3.27 3.33 37.01
C GLN A 306 2.90 3.63 38.46
N VAL A 307 2.33 4.83 38.72
CA VAL A 307 1.97 5.22 40.06
C VAL A 307 0.85 4.31 40.57
N ALA A 308 -0.13 4.02 39.71
CA ALA A 308 -1.25 3.15 40.05
C ALA A 308 -0.74 1.81 40.58
N TYR A 309 0.21 1.21 39.86
CA TYR A 309 0.81 -0.06 40.26
C TYR A 309 1.61 0.14 41.55
N GLY A 310 2.38 1.23 41.61
CA GLY A 310 3.19 1.54 42.77
C GLY A 310 2.35 1.67 44.05
N VAL A 311 1.28 2.48 43.98
CA VAL A 311 0.44 2.75 45.14
C VAL A 311 -0.11 1.45 45.70
N LEU A 312 -0.45 0.48 44.82
CA LEU A 312 -1.08 -0.76 45.25
C LEU A 312 -0.06 -1.63 46.00
N LYS A 313 1.18 -1.71 45.50
CA LYS A 313 2.19 -2.56 46.10
C LYS A 313 2.59 -1.98 47.46
N SER A 314 2.60 -0.65 47.57
CA SER A 314 2.88 0.02 48.84
C SER A 314 1.77 -0.29 49.85
N GLY A 315 0.52 -0.24 49.38
CA GLY A 315 -0.64 -0.59 50.20
C GLY A 315 -1.13 0.58 51.04
N VAL A 316 -0.59 1.78 50.79
CA VAL A 316 -0.95 2.97 51.57
C VAL A 316 -1.48 4.02 50.61
N PRO A 317 -2.37 4.94 51.05
CA PRO A 317 -2.86 6.01 50.19
C PRO A 317 -1.78 6.78 49.46
N PHE A 318 -2.14 7.38 48.32
CA PHE A 318 -1.24 8.18 47.51
C PHE A 318 -0.66 9.31 48.36
N ASP A 319 0.66 9.51 48.23
CA ASP A 319 1.37 10.60 48.89
C ASP A 319 2.02 11.47 47.82
N ALA A 320 1.69 12.77 47.83
CA ALA A 320 2.17 13.70 46.82
C ALA A 320 3.67 13.98 46.97
N SER A 321 4.17 13.82 48.20
CA SER A 321 5.55 14.15 48.54
C SER A 321 6.54 13.44 47.61
N ARG A 322 6.24 12.19 47.22
CA ARG A 322 7.16 11.37 46.45
C ARG A 322 7.34 11.93 45.04
N HIS A 323 6.43 12.81 44.60
CA HIS A 323 6.49 13.37 43.26
C HIS A 323 6.57 14.90 43.35
N GLU B 6 -24.13 38.72 -18.97
CA GLU B 6 -25.38 38.77 -18.17
C GLU B 6 -25.29 37.83 -16.97
N LEU B 7 -24.80 36.60 -17.17
CA LEU B 7 -24.80 35.57 -16.14
C LEU B 7 -23.53 35.70 -15.30
N HIS B 8 -23.69 35.69 -13.98
CA HIS B 8 -22.58 35.67 -13.03
C HIS B 8 -22.31 34.22 -12.63
N TYR B 9 -21.09 33.97 -12.12
CA TYR B 9 -20.70 32.65 -11.64
C TYR B 9 -20.19 32.79 -10.21
N ILE B 10 -20.87 32.13 -9.27
CA ILE B 10 -20.59 32.30 -7.85
C ILE B 10 -20.14 30.96 -7.28
N GLY B 11 -19.08 31.00 -6.47
CA GLY B 11 -18.65 29.86 -5.66
C GLY B 11 -18.80 30.18 -4.18
N ILE B 12 -19.29 29.22 -3.40
CA ILE B 12 -19.43 29.37 -1.96
C ILE B 12 -18.67 28.24 -1.27
N ASP B 13 -17.76 28.62 -0.36
CA ASP B 13 -17.05 27.68 0.50
C ASP B 13 -17.75 27.69 1.86
N THR B 14 -18.26 26.52 2.27
CA THR B 14 -19.12 26.43 3.45
C THR B 14 -18.36 25.77 4.59
N ALA B 15 -18.48 26.38 5.79
CA ALA B 15 -18.12 25.74 7.04
C ALA B 15 -19.36 25.72 7.94
N LYS B 16 -19.23 25.12 9.13
CA LYS B 16 -20.33 25.03 10.08
C LYS B 16 -20.86 26.43 10.39
N GLU B 17 -19.95 27.39 10.62
CA GLU B 17 -20.30 28.68 11.18
C GLU B 17 -20.30 29.79 10.12
N LYS B 18 -19.43 29.67 9.10
CA LYS B 18 -19.19 30.78 8.19
C LYS B 18 -19.44 30.36 6.74
N LEU B 19 -19.67 31.37 5.88
CA LEU B 19 -19.77 31.21 4.44
C LEU B 19 -18.79 32.18 3.78
N ASP B 20 -17.95 31.66 2.87
CA ASP B 20 -17.06 32.49 2.08
C ASP B 20 -17.55 32.49 0.63
N VAL B 21 -17.91 33.67 0.11
CA VAL B 21 -18.58 33.80 -1.17
C VAL B 21 -17.66 34.54 -2.14
N ASP B 22 -17.62 34.08 -3.41
CA ASP B 22 -16.78 34.67 -4.44
C ASP B 22 -17.60 34.81 -5.72
N VAL B 23 -17.90 36.05 -6.10
CA VAL B 23 -18.69 36.33 -7.29
C VAL B 23 -17.74 36.66 -8.45
N LEU B 24 -17.92 35.96 -9.58
CA LEU B 24 -17.14 36.22 -10.78
C LEU B 24 -18.02 36.95 -11.78
N ARG B 25 -17.64 38.19 -12.11
CA ARG B 25 -18.44 39.07 -12.96
C ARG B 25 -18.15 38.76 -14.42
N PRO B 26 -19.09 39.01 -15.36
CA PRO B 26 -18.84 38.77 -16.78
C PRO B 26 -17.54 39.40 -17.30
N ASP B 27 -17.23 40.61 -16.83
CA ASP B 27 -16.05 41.34 -17.28
C ASP B 27 -14.78 40.60 -16.86
N GLY B 28 -14.77 40.05 -15.63
CA GLY B 28 -13.66 39.24 -15.15
C GLY B 28 -13.22 39.61 -13.72
N ARG B 29 -13.74 40.71 -13.18
CA ARG B 29 -13.41 41.14 -11.83
C ARG B 29 -14.18 40.28 -10.82
N HIS B 30 -13.67 40.24 -9.58
CA HIS B 30 -14.24 39.42 -8.53
C HIS B 30 -14.83 40.30 -7.42
N ARG B 31 -15.91 39.80 -6.79
CA ARG B 31 -16.42 40.36 -5.54
C ARG B 31 -16.37 39.26 -4.47
N THR B 32 -15.88 39.61 -3.27
CA THR B 32 -15.74 38.65 -2.19
C THR B 32 -16.29 39.26 -0.90
N LYS B 33 -17.10 38.47 -0.18
CA LYS B 33 -17.65 38.88 1.11
C LYS B 33 -18.02 37.63 1.91
N LYS B 34 -17.69 37.65 3.20
CA LYS B 34 -17.95 36.51 4.08
C LYS B 34 -19.25 36.76 4.86
N PHE B 35 -19.93 35.67 5.22
CA PHE B 35 -21.21 35.73 5.91
C PHE B 35 -21.25 34.66 7.00
N ALA B 36 -22.11 34.87 8.00
CA ALA B 36 -22.44 33.84 8.97
C ALA B 36 -23.32 32.80 8.31
N ASN B 37 -23.20 31.54 8.75
CA ASN B 37 -23.97 30.44 8.18
C ASN B 37 -25.25 30.27 8.99
N THR B 38 -26.08 31.31 8.98
CA THR B 38 -27.30 31.37 9.78
C THR B 38 -28.43 31.91 8.91
N THR B 39 -29.66 31.88 9.43
CA THR B 39 -30.82 32.40 8.71
C THR B 39 -30.64 33.89 8.43
N LYS B 40 -30.11 34.62 9.42
CA LYS B 40 -29.81 36.03 9.27
C LYS B 40 -28.73 36.21 8.18
N GLY B 41 -27.72 35.33 8.22
CA GLY B 41 -26.62 35.37 7.26
C GLY B 41 -27.10 35.14 5.82
N HIS B 42 -28.03 34.20 5.63
CA HIS B 42 -28.49 33.82 4.30
C HIS B 42 -29.33 34.93 3.70
N ASP B 43 -30.14 35.60 4.53
CA ASP B 43 -30.92 36.75 4.09
C ASP B 43 -30.00 37.90 3.73
N GLU B 44 -28.92 38.07 4.51
CA GLU B 44 -27.92 39.08 4.24
C GLU B 44 -27.25 38.83 2.90
N LEU B 45 -26.98 37.55 2.60
CA LEU B 45 -26.32 37.15 1.35
C LEU B 45 -27.19 37.51 0.16
N VAL B 46 -28.48 37.18 0.22
CA VAL B 46 -29.39 37.41 -0.90
C VAL B 46 -29.50 38.92 -1.15
N SER B 47 -29.63 39.70 -0.08
CA SER B 47 -29.74 41.15 -0.18
C SER B 47 -28.47 41.75 -0.81
N TRP B 48 -27.31 41.18 -0.45
CA TRP B 48 -26.03 41.67 -0.95
C TRP B 48 -25.90 41.43 -2.46
N LEU B 49 -26.48 40.32 -2.94
CA LEU B 49 -26.47 40.00 -4.36
C LEU B 49 -27.43 40.94 -5.10
N LYS B 50 -28.63 41.12 -4.53
CA LYS B 50 -29.62 42.03 -5.11
C LYS B 50 -29.11 43.47 -5.03
N GLY B 51 -28.25 43.74 -4.03
CA GLY B 51 -27.56 45.02 -3.91
C GLY B 51 -26.74 45.36 -5.16
N HIS B 52 -25.99 44.37 -5.67
CA HIS B 52 -25.09 44.56 -6.81
C HIS B 52 -25.80 44.21 -8.11
N LYS B 53 -27.14 44.24 -8.12
CA LYS B 53 -27.95 44.02 -9.31
C LYS B 53 -27.58 42.67 -9.95
N ILE B 54 -27.39 41.64 -9.10
CA ILE B 54 -27.14 40.29 -9.57
C ILE B 54 -28.47 39.54 -9.52
N ASP B 55 -29.09 39.37 -10.69
CA ASP B 55 -30.41 38.75 -10.81
C ASP B 55 -30.25 37.32 -11.32
N HIS B 56 -29.47 37.15 -12.40
CA HIS B 56 -29.19 35.85 -12.97
C HIS B 56 -27.77 35.44 -12.56
N ALA B 57 -27.65 34.29 -11.87
CA ALA B 57 -26.36 33.75 -11.48
C ALA B 57 -26.43 32.23 -11.44
N HIS B 58 -25.24 31.59 -11.40
CA HIS B 58 -25.12 30.16 -11.25
C HIS B 58 -24.17 29.87 -10.09
N ILE B 59 -24.72 29.48 -8.93
CA ILE B 59 -23.93 29.24 -7.73
C ILE B 59 -23.45 27.79 -7.75
N CYS B 60 -22.23 27.57 -7.24
CA CYS B 60 -21.63 26.25 -7.16
C CYS B 60 -21.15 25.99 -5.73
N ILE B 61 -21.72 24.96 -5.09
CA ILE B 61 -21.41 24.61 -3.70
C ILE B 61 -20.92 23.16 -3.68
N GLU B 62 -20.01 22.84 -2.77
CA GLU B 62 -19.60 21.45 -2.53
C GLU B 62 -20.64 20.76 -1.67
N ALA B 63 -20.81 19.45 -1.88
CA ALA B 63 -21.70 18.62 -1.09
C ALA B 63 -20.94 18.08 0.11
N THR B 64 -20.87 18.87 1.19
CA THR B 64 -20.07 18.54 2.36
C THR B 64 -20.96 17.96 3.47
N GLY B 65 -22.27 18.21 3.42
CA GLY B 65 -23.20 17.56 4.33
C GLY B 65 -24.44 18.41 4.62
N THR B 66 -24.77 18.56 5.90
CA THR B 66 -26.04 19.13 6.32
C THR B 66 -25.90 20.63 6.59
N TYR B 67 -24.66 21.13 6.68
CA TYR B 67 -24.42 22.52 7.01
C TYR B 67 -24.61 23.40 5.77
N MET B 68 -24.53 22.80 4.57
CA MET B 68 -24.61 23.55 3.33
C MET B 68 -26.02 23.49 2.73
N GLU B 69 -26.90 22.65 3.32
CA GLU B 69 -28.22 22.42 2.75
C GLU B 69 -29.10 23.67 2.91
N PRO B 70 -29.14 24.38 4.07
CA PRO B 70 -29.98 25.56 4.22
C PRO B 70 -29.69 26.69 3.23
N VAL B 71 -28.41 26.99 2.98
CA VAL B 71 -28.06 28.10 2.11
C VAL B 71 -28.41 27.74 0.67
N ALA B 72 -28.26 26.45 0.31
CA ALA B 72 -28.64 25.99 -1.02
C ALA B 72 -30.15 26.17 -1.21
N GLU B 73 -30.94 25.76 -0.21
CA GLU B 73 -32.38 25.97 -0.21
C GLU B 73 -32.69 27.44 -0.41
N CYS B 74 -32.00 28.31 0.35
CA CYS B 74 -32.27 29.74 0.34
C CYS B 74 -32.08 30.33 -1.06
N LEU B 75 -30.94 29.99 -1.69
CA LEU B 75 -30.56 30.57 -2.97
C LEU B 75 -31.44 30.01 -4.09
N TYR B 76 -31.88 28.76 -3.94
CA TYR B 76 -32.78 28.13 -4.91
C TYR B 76 -34.12 28.86 -4.89
N ASP B 77 -34.62 29.19 -3.69
CA ASP B 77 -35.89 29.89 -3.54
C ASP B 77 -35.76 31.32 -4.06
N ALA B 78 -34.59 31.94 -3.85
CA ALA B 78 -34.31 33.29 -4.34
C ALA B 78 -34.43 33.35 -5.86
N GLY B 79 -34.19 32.21 -6.53
CA GLY B 79 -34.45 32.07 -7.96
C GLY B 79 -33.18 31.86 -8.78
N TYR B 80 -32.03 31.72 -8.11
CA TYR B 80 -30.77 31.49 -8.78
C TYR B 80 -30.64 30.01 -9.15
N ILE B 81 -29.75 29.72 -10.10
CA ILE B 81 -29.41 28.34 -10.45
C ILE B 81 -28.34 27.86 -9.47
N VAL B 82 -28.61 26.76 -8.77
CA VAL B 82 -27.70 26.22 -7.77
C VAL B 82 -27.23 24.85 -8.24
N SER B 83 -25.93 24.61 -8.12
CA SER B 83 -25.34 23.31 -8.37
C SER B 83 -24.60 22.84 -7.11
N VAL B 84 -24.84 21.60 -6.70
CA VAL B 84 -24.24 21.04 -5.51
C VAL B 84 -23.35 19.88 -5.95
N ILE B 85 -22.03 20.12 -5.98
CA ILE B 85 -21.11 19.24 -6.70
C ILE B 85 -20.49 18.25 -5.72
N ASN B 86 -20.13 17.08 -6.26
CA ASN B 86 -19.42 16.05 -5.53
C ASN B 86 -18.03 16.58 -5.19
N PRO B 87 -17.62 16.63 -3.90
CA PRO B 87 -16.35 17.24 -3.53
C PRO B 87 -15.14 16.66 -4.27
N ALA B 88 -15.21 15.38 -4.64
CA ALA B 88 -14.10 14.72 -5.32
C ALA B 88 -13.86 15.33 -6.70
N LEU B 89 -14.90 15.87 -7.33
CA LEU B 89 -14.77 16.58 -8.59
C LEU B 89 -13.98 17.86 -8.37
N GLY B 90 -14.26 18.54 -7.25
CA GLY B 90 -13.60 19.79 -6.88
C GLY B 90 -12.10 19.62 -6.74
N LYS B 91 -11.67 18.57 -6.04
CA LYS B 91 -10.26 18.32 -5.79
C LYS B 91 -9.56 18.00 -7.12
N ALA B 92 -10.24 17.23 -7.98
CA ALA B 92 -9.71 16.86 -9.28
C ALA B 92 -9.57 18.08 -10.18
N PHE B 93 -10.52 19.02 -10.05
CA PHE B 93 -10.53 20.22 -10.88
C PHE B 93 -9.33 21.09 -10.54
N ALA B 94 -9.00 21.19 -9.24
CA ALA B 94 -7.84 21.95 -8.80
C ALA B 94 -6.56 21.42 -9.44
N GLN B 95 -6.45 20.09 -9.54
CA GLN B 95 -5.24 19.44 -10.05
C GLN B 95 -5.17 19.56 -11.57
N SER B 96 -6.31 19.83 -12.22
CA SER B 96 -6.36 19.99 -13.67
C SER B 96 -5.96 21.42 -14.06
N GLU B 97 -5.90 22.32 -13.07
CA GLU B 97 -5.60 23.73 -13.34
C GLU B 97 -4.09 23.97 -13.27
N GLY B 98 -3.33 23.09 -12.60
CA GLY B 98 -1.88 23.24 -12.55
C GLY B 98 -1.20 22.02 -11.95
N LEU B 99 0.14 21.96 -12.10
CA LEU B 99 0.93 20.82 -11.69
C LEU B 99 1.45 20.99 -10.27
N ARG B 100 1.63 22.24 -9.83
CA ARG B 100 2.30 22.53 -8.57
C ARG B 100 1.54 23.63 -7.82
N ASN B 101 0.26 23.36 -7.54
CA ASN B 101 -0.58 24.29 -6.80
C ASN B 101 -0.02 24.48 -5.39
N LYS B 102 -0.27 25.65 -4.81
CA LYS B 102 0.18 25.97 -3.45
C LYS B 102 -0.41 24.95 -2.47
N THR B 103 -1.74 24.74 -2.55
CA THR B 103 -2.44 23.79 -1.70
C THR B 103 -3.35 22.93 -2.57
N ASP B 104 -3.81 21.81 -2.00
CA ASP B 104 -4.78 20.92 -2.65
C ASP B 104 -6.20 21.39 -2.34
N THR B 105 -6.34 22.27 -1.34
CA THR B 105 -7.64 22.74 -0.87
C THR B 105 -8.36 23.51 -1.98
N VAL B 106 -9.69 23.42 -1.98
CA VAL B 106 -10.55 24.11 -2.93
C VAL B 106 -11.24 25.27 -2.21
N ASP B 107 -11.24 26.45 -2.84
CA ASP B 107 -11.79 27.66 -2.23
C ASP B 107 -12.92 28.20 -3.11
N ALA B 108 -13.59 29.24 -2.61
CA ALA B 108 -14.76 29.82 -3.26
C ALA B 108 -14.42 30.34 -4.66
N ARG B 109 -13.19 30.81 -4.85
CA ARG B 109 -12.75 31.31 -6.14
C ARG B 109 -12.66 30.16 -7.14
N MET B 110 -12.06 29.04 -6.72
CA MET B 110 -11.90 27.85 -7.54
C MET B 110 -13.28 27.33 -7.98
N LEU B 111 -14.26 27.38 -7.05
CA LEU B 111 -15.60 26.89 -7.32
C LEU B 111 -16.30 27.76 -8.36
N ALA B 112 -16.02 29.07 -8.32
CA ALA B 112 -16.61 30.00 -9.28
C ALA B 112 -16.07 29.71 -10.68
N GLU B 113 -14.81 29.27 -10.74
CA GLU B 113 -14.17 28.94 -12.00
C GLU B 113 -14.67 27.57 -12.49
N PHE B 114 -14.81 26.61 -11.56
CA PHE B 114 -15.44 25.33 -11.86
C PHE B 114 -16.80 25.58 -12.52
N CYS B 115 -17.56 26.52 -11.97
CA CYS B 115 -18.89 26.81 -12.44
C CYS B 115 -18.86 27.36 -13.87
N ARG B 116 -17.90 28.27 -14.14
CA ARG B 116 -17.81 28.92 -15.45
C ARG B 116 -17.47 27.90 -16.53
N GLN B 117 -16.46 27.06 -16.27
CA GLN B 117 -15.88 26.18 -17.29
C GLN B 117 -16.82 25.01 -17.60
N LYS B 118 -17.52 24.50 -16.59
CA LYS B 118 -18.23 23.23 -16.72
C LYS B 118 -19.74 23.42 -16.86
N ARG B 119 -20.30 24.50 -16.27
CA ARG B 119 -21.73 24.72 -16.24
C ARG B 119 -22.45 23.46 -15.76
N PRO B 120 -22.21 22.99 -14.50
CA PRO B 120 -22.80 21.74 -14.04
C PRO B 120 -24.32 21.77 -13.95
N ALA B 121 -24.93 20.57 -13.91
CA ALA B 121 -26.38 20.43 -13.90
C ALA B 121 -26.97 21.09 -12.65
N ALA B 122 -28.19 21.61 -12.79
CA ALA B 122 -28.88 22.30 -11.72
C ALA B 122 -29.33 21.31 -10.65
N TRP B 123 -29.20 21.73 -9.38
CA TRP B 123 -29.67 20.96 -8.24
C TRP B 123 -31.12 21.32 -7.95
N GLU B 124 -31.87 20.37 -7.40
CA GLU B 124 -33.29 20.54 -7.10
C GLU B 124 -33.55 20.03 -5.70
N ALA B 125 -34.17 20.87 -4.86
CA ALA B 125 -34.43 20.53 -3.47
C ALA B 125 -35.39 19.34 -3.40
N PRO B 126 -35.06 18.26 -2.65
CA PRO B 126 -35.95 17.09 -2.58
C PRO B 126 -37.32 17.41 -1.99
N HIS B 127 -38.32 16.60 -2.37
CA HIS B 127 -39.67 16.71 -1.84
C HIS B 127 -39.63 16.36 -0.35
N PRO B 128 -40.40 17.02 0.54
CA PRO B 128 -40.41 16.68 1.96
C PRO B 128 -40.55 15.19 2.26
N LEU B 129 -41.39 14.50 1.47
CA LEU B 129 -41.65 13.08 1.68
C LEU B 129 -40.44 12.25 1.23
N GLU B 130 -39.75 12.68 0.16
CA GLU B 130 -38.54 12.03 -0.28
C GLU B 130 -37.47 12.16 0.79
N ARG B 131 -37.43 13.32 1.44
CA ARG B 131 -36.47 13.61 2.50
C ARG B 131 -36.78 12.77 3.73
N ALA B 132 -38.07 12.66 4.07
CA ALA B 132 -38.52 11.88 5.23
C ALA B 132 -38.20 10.41 5.03
N LEU B 133 -38.49 9.89 3.82
CA LEU B 133 -38.30 8.47 3.54
C LEU B 133 -36.82 8.11 3.67
N ARG B 134 -35.94 8.90 3.06
CA ARG B 134 -34.53 8.58 3.05
C ARG B 134 -34.00 8.59 4.49
N ALA B 135 -34.47 9.54 5.31
CA ALA B 135 -34.03 9.67 6.69
C ALA B 135 -34.39 8.42 7.50
N LEU B 136 -35.61 7.90 7.29
CA LEU B 136 -36.08 6.72 8.00
C LEU B 136 -35.29 5.49 7.55
N VAL B 137 -35.04 5.39 6.24
CA VAL B 137 -34.35 4.24 5.66
C VAL B 137 -32.92 4.20 6.20
N VAL B 138 -32.29 5.37 6.32
CA VAL B 138 -30.92 5.46 6.81
C VAL B 138 -30.86 5.13 8.30
N ARG B 139 -31.89 5.55 9.05
CA ARG B 139 -32.01 5.18 10.47
C ARG B 139 -32.14 3.66 10.59
N HIS B 140 -32.93 3.04 9.69
CA HIS B 140 -33.15 1.61 9.71
C HIS B 140 -31.85 0.83 9.50
N GLN B 141 -30.94 1.37 8.67
N GLN B 141 -30.94 1.38 8.67
CA GLN B 141 -29.70 0.68 8.36
CA GLN B 141 -29.69 0.71 8.35
C GLN B 141 -28.74 0.80 9.54
C GLN B 141 -28.71 0.84 9.50
N ALA B 142 -28.82 1.92 10.27
CA ALA B 142 -28.01 2.15 11.45
C ALA B 142 -28.36 1.12 12.53
N LEU B 143 -29.66 0.94 12.76
CA LEU B 143 -30.13 0.04 13.81
C LEU B 143 -29.84 -1.41 13.43
N THR B 144 -29.82 -1.72 12.13
CA THR B 144 -29.52 -3.07 11.68
C THR B 144 -28.06 -3.40 11.97
N ASP B 145 -27.17 -2.43 11.72
CA ASP B 145 -25.74 -2.61 11.97
C ASP B 145 -25.49 -2.81 13.47
N MET B 146 -26.18 -2.05 14.33
CA MET B 146 -26.01 -2.17 15.76
C MET B 146 -26.53 -3.53 16.24
N HIS B 147 -27.65 -3.98 15.65
CA HIS B 147 -28.22 -5.28 15.97
C HIS B 147 -27.26 -6.40 15.59
N THR B 148 -26.53 -6.21 14.49
CA THR B 148 -25.59 -7.21 14.01
C THR B 148 -24.39 -7.28 14.96
N GLN B 149 -23.89 -6.12 15.39
CA GLN B 149 -22.81 -6.06 16.37
C GLN B 149 -23.13 -6.96 17.56
N GLU B 150 -24.32 -6.79 18.14
CA GLU B 150 -24.70 -7.46 19.37
C GLU B 150 -24.90 -8.96 19.13
N LEU B 151 -25.35 -9.34 17.93
CA LEU B 151 -25.48 -10.75 17.57
C LEU B 151 -24.11 -11.41 17.56
N ASN B 152 -23.10 -10.74 17.00
CA ASN B 152 -21.75 -11.28 16.96
C ASN B 152 -21.25 -11.50 18.38
N ARG B 153 -21.58 -10.58 19.30
CA ARG B 153 -21.09 -10.63 20.66
C ARG B 153 -21.69 -11.83 21.40
N THR B 154 -22.98 -12.09 21.15
CA THR B 154 -23.68 -13.21 21.74
C THR B 154 -22.84 -14.49 21.62
N GLU B 155 -22.13 -14.64 20.49
CA GLU B 155 -21.36 -15.86 20.22
C GLU B 155 -20.35 -16.12 21.33
N THR B 156 -19.50 -15.13 21.64
CA THR B 156 -18.32 -15.33 22.47
C THR B 156 -18.46 -14.57 23.79
N ALA B 157 -19.71 -14.25 24.18
CA ALA B 157 -19.95 -13.46 25.38
C ALA B 157 -19.62 -14.28 26.62
N ARG B 158 -19.25 -13.57 27.71
CA ARG B 158 -19.15 -14.17 29.03
C ARG B 158 -20.56 -14.21 29.63
N GLU B 159 -20.79 -15.13 30.57
CA GLU B 159 -22.12 -15.38 31.10
C GLU B 159 -22.62 -14.18 31.89
N VAL B 160 -21.71 -13.35 32.41
CA VAL B 160 -22.10 -12.17 33.18
C VAL B 160 -22.51 -11.05 32.24
N GLN B 161 -22.10 -11.12 30.97
CA GLN B 161 -22.39 -10.08 29.99
C GLN B 161 -23.70 -10.35 29.27
N ARG B 162 -24.16 -11.61 29.27
CA ARG B 162 -25.26 -12.04 28.41
C ARG B 162 -26.57 -11.34 28.77
N PRO B 163 -26.93 -11.14 30.05
CA PRO B 163 -28.15 -10.39 30.39
C PRO B 163 -28.24 -9.02 29.72
N SER B 164 -27.10 -8.34 29.59
CA SER B 164 -27.04 -7.02 28.99
C SER B 164 -27.22 -7.10 27.48
N ILE B 165 -26.59 -8.09 26.84
CA ILE B 165 -26.61 -8.23 25.39
C ILE B 165 -28.01 -8.67 24.95
N ASP B 166 -28.60 -9.62 25.70
CA ASP B 166 -29.95 -10.10 25.42
C ASP B 166 -30.96 -8.96 25.55
N ALA B 167 -30.80 -8.10 26.57
CA ALA B 167 -31.71 -6.98 26.79
C ALA B 167 -31.67 -6.03 25.61
N HIS B 168 -30.46 -5.65 25.18
CA HIS B 168 -30.28 -4.67 24.11
C HIS B 168 -30.85 -5.21 22.80
N LEU B 169 -30.69 -6.52 22.56
CA LEU B 169 -31.17 -7.14 21.34
C LEU B 169 -32.69 -7.06 21.26
N LEU B 170 -33.39 -7.30 22.38
CA LEU B 170 -34.84 -7.22 22.40
C LEU B 170 -35.28 -5.80 22.03
N TRP B 171 -34.59 -4.80 22.59
CA TRP B 171 -34.92 -3.40 22.35
C TRP B 171 -34.75 -3.07 20.87
N LEU B 172 -33.62 -3.49 20.28
CA LEU B 172 -33.29 -3.15 18.90
C LEU B 172 -34.26 -3.85 17.95
N GLU B 173 -34.67 -5.08 18.29
CA GLU B 173 -35.63 -5.81 17.49
C GLU B 173 -36.95 -5.05 17.46
N ALA B 174 -37.39 -4.55 18.63
CA ALA B 174 -38.64 -3.83 18.74
C ALA B 174 -38.59 -2.54 17.93
N GLU B 175 -37.44 -1.84 18.00
CA GLU B 175 -37.30 -0.53 17.38
C GLU B 175 -37.27 -0.68 15.86
N LEU B 176 -36.59 -1.72 15.37
CA LEU B 176 -36.55 -2.01 13.94
C LEU B 176 -37.96 -2.29 13.44
N LYS B 177 -38.75 -3.03 14.23
CA LYS B 177 -40.12 -3.38 13.86
C LYS B 177 -40.98 -2.12 13.80
N ARG B 178 -40.79 -1.21 14.77
CA ARG B 178 -41.55 0.04 14.83
C ARG B 178 -41.24 0.91 13.62
N LEU B 179 -39.95 0.96 13.25
CA LEU B 179 -39.48 1.88 12.22
C LEU B 179 -39.87 1.38 10.84
N GLU B 180 -40.01 0.06 10.69
CA GLU B 180 -40.49 -0.55 9.46
C GLU B 180 -41.96 -0.18 9.24
N LYS B 181 -42.74 -0.13 10.32
CA LYS B 181 -44.15 0.23 10.24
C LYS B 181 -44.28 1.71 9.91
N GLN B 182 -43.35 2.53 10.42
CA GLN B 182 -43.36 3.96 10.20
C GLN B 182 -43.07 4.25 8.71
N ILE B 183 -42.21 3.43 8.10
CA ILE B 183 -41.92 3.53 6.68
C ILE B 183 -43.18 3.14 5.89
N LYS B 184 -43.81 2.03 6.28
CA LYS B 184 -44.98 1.50 5.59
C LYS B 184 -46.11 2.53 5.61
N ASP B 185 -46.29 3.21 6.76
CA ASP B 185 -47.34 4.21 6.92
C ASP B 185 -47.04 5.43 6.05
N LEU B 186 -45.76 5.75 5.85
CA LEU B 186 -45.36 6.91 5.05
C LEU B 186 -45.75 6.69 3.59
N THR B 187 -45.42 5.51 3.05
CA THR B 187 -45.60 5.23 1.63
C THR B 187 -47.08 4.96 1.33
N ASP B 188 -47.81 4.39 2.30
CA ASP B 188 -49.21 4.07 2.12
C ASP B 188 -50.06 5.34 2.01
N ASP B 189 -49.69 6.38 2.77
CA ASP B 189 -50.46 7.61 2.83
C ASP B 189 -50.36 8.38 1.52
N ASP B 190 -49.19 8.31 0.86
CA ASP B 190 -48.95 9.00 -0.40
C ASP B 190 -49.37 8.07 -1.55
N PRO B 191 -50.38 8.41 -2.38
CA PRO B 191 -50.83 7.51 -3.44
C PRO B 191 -49.79 7.24 -4.52
N ASP B 192 -48.89 8.21 -4.76
CA ASP B 192 -47.83 8.06 -5.75
C ASP B 192 -46.80 7.04 -5.25
N MET B 193 -46.34 7.21 -4.01
CA MET B 193 -45.33 6.32 -3.43
C MET B 193 -45.90 4.92 -3.22
N LYS B 194 -47.20 4.83 -2.90
CA LYS B 194 -47.85 3.55 -2.69
C LYS B 194 -47.80 2.73 -3.98
N HIS B 195 -48.09 3.38 -5.12
CA HIS B 195 -48.14 2.72 -6.42
C HIS B 195 -46.75 2.30 -6.85
N ARG B 196 -45.77 3.19 -6.71
CA ARG B 196 -44.41 2.95 -7.16
C ARG B 196 -43.76 1.82 -6.35
N ARG B 197 -44.08 1.76 -5.05
CA ARG B 197 -43.53 0.73 -4.19
C ARG B 197 -44.12 -0.63 -4.56
N LYS B 198 -45.40 -0.65 -4.94
CA LYS B 198 -46.08 -1.86 -5.35
C LYS B 198 -45.44 -2.42 -6.62
N LEU B 199 -44.98 -1.53 -7.51
CA LEU B 199 -44.38 -1.93 -8.78
C LEU B 199 -43.01 -2.57 -8.53
N LEU B 200 -42.23 -2.01 -7.61
CA LEU B 200 -40.88 -2.49 -7.33
C LEU B 200 -40.92 -3.89 -6.74
N GLU B 201 -41.94 -4.17 -5.91
CA GLU B 201 -42.04 -5.45 -5.23
C GLU B 201 -42.48 -6.54 -6.20
N SER B 202 -43.09 -6.15 -7.33
CA SER B 202 -43.52 -7.09 -8.36
C SER B 202 -42.30 -7.81 -8.97
N ILE B 203 -41.13 -7.19 -8.90
CA ILE B 203 -39.90 -7.80 -9.38
C ILE B 203 -39.55 -8.98 -8.47
N PRO B 204 -39.26 -10.20 -9.01
CA PRO B 204 -38.78 -11.30 -8.18
C PRO B 204 -37.37 -11.08 -7.67
N GLY B 205 -37.22 -11.06 -6.33
CA GLY B 205 -35.96 -10.78 -5.68
C GLY B 205 -35.98 -9.48 -4.87
N ILE B 206 -37.03 -8.67 -5.06
CA ILE B 206 -37.16 -7.40 -4.36
C ILE B 206 -38.39 -7.46 -3.45
N GLY B 207 -38.18 -7.30 -2.14
CA GLY B 207 -39.24 -7.37 -1.15
C GLY B 207 -39.49 -6.02 -0.48
N GLU B 208 -39.84 -6.04 0.81
CA GLU B 208 -40.25 -4.84 1.54
C GLU B 208 -39.04 -3.94 1.79
N LYS B 209 -37.93 -4.53 2.25
CA LYS B 209 -36.79 -3.74 2.71
C LYS B 209 -36.09 -3.08 1.54
N THR B 210 -35.99 -3.77 0.40
CA THR B 210 -35.25 -3.25 -0.75
C THR B 210 -36.09 -2.20 -1.48
N SER B 211 -37.42 -2.40 -1.53
CA SER B 211 -38.29 -1.49 -2.25
C SER B 211 -38.23 -0.10 -1.61
N ALA B 212 -38.15 -0.05 -0.27
CA ALA B 212 -38.09 1.22 0.45
C ALA B 212 -36.77 1.93 0.17
N VAL B 213 -35.67 1.17 0.12
CA VAL B 213 -34.36 1.75 -0.15
C VAL B 213 -34.37 2.33 -1.57
N LEU B 214 -34.88 1.56 -2.54
CA LEU B 214 -34.87 1.98 -3.94
C LEU B 214 -35.68 3.27 -4.11
N LEU B 215 -36.85 3.36 -3.48
CA LEU B 215 -37.67 4.57 -3.57
C LEU B 215 -36.92 5.76 -3.00
N ALA B 216 -36.15 5.53 -1.93
CA ALA B 216 -35.47 6.62 -1.24
C ALA B 216 -34.41 7.28 -2.14
N TYR B 217 -33.93 6.56 -3.17
CA TYR B 217 -32.89 7.08 -4.04
C TYR B 217 -33.42 7.39 -5.43
N ILE B 218 -34.46 6.67 -5.89
CA ILE B 218 -35.08 6.97 -7.17
C ILE B 218 -35.98 8.19 -7.00
N GLY B 219 -36.87 8.15 -6.01
CA GLY B 219 -37.73 9.28 -5.67
C GLY B 219 -39.07 9.22 -6.39
N LEU B 220 -39.80 10.35 -6.36
CA LEU B 220 -41.16 10.44 -6.86
C LEU B 220 -41.16 10.56 -8.39
N LYS B 221 -40.21 11.33 -8.93
CA LYS B 221 -40.16 11.63 -10.36
C LYS B 221 -38.92 10.97 -10.97
N ASP B 222 -38.97 10.76 -12.29
CA ASP B 222 -37.94 10.02 -13.00
C ASP B 222 -36.83 10.99 -13.43
N ARG B 223 -35.73 10.99 -12.67
CA ARG B 223 -34.66 11.97 -12.83
C ARG B 223 -33.60 11.48 -13.81
N PHE B 224 -33.56 10.16 -14.07
CA PHE B 224 -32.54 9.57 -14.92
C PHE B 224 -33.11 9.34 -16.31
N ALA B 225 -32.35 9.69 -17.34
CA ALA B 225 -32.79 9.56 -18.71
C ALA B 225 -32.78 8.09 -19.13
N HIS B 226 -31.79 7.33 -18.66
CA HIS B 226 -31.64 5.92 -18.99
C HIS B 226 -31.38 5.12 -17.72
N ALA B 227 -31.75 3.83 -17.76
CA ALA B 227 -31.65 2.96 -16.60
C ALA B 227 -30.19 2.65 -16.28
N ARG B 228 -29.31 2.71 -17.28
CA ARG B 228 -27.89 2.45 -17.08
C ARG B 228 -27.26 3.56 -16.23
N GLN B 229 -27.84 4.77 -16.27
CA GLN B 229 -27.36 5.89 -15.48
C GLN B 229 -27.65 5.66 -13.99
N PHE B 230 -28.79 5.01 -13.68
CA PHE B 230 -29.12 4.72 -12.30
C PHE B 230 -28.18 3.64 -11.76
N ALA B 231 -27.78 2.69 -12.61
CA ALA B 231 -26.80 1.68 -12.23
C ALA B 231 -25.46 2.34 -11.95
N ALA B 232 -25.08 3.33 -12.76
CA ALA B 232 -23.87 4.11 -12.52
C ALA B 232 -23.99 4.89 -11.21
N PHE B 233 -25.17 5.46 -10.96
CA PHE B 233 -25.45 6.24 -9.77
C PHE B 233 -25.18 5.41 -8.50
N ALA B 234 -25.46 4.10 -8.56
CA ALA B 234 -25.28 3.21 -7.43
C ALA B 234 -23.84 2.70 -7.34
N GLY B 235 -23.02 2.97 -8.38
CA GLY B 235 -21.64 2.54 -8.43
C GLY B 235 -21.53 1.05 -8.79
N LEU B 236 -22.42 0.57 -9.65
CA LEU B 236 -22.59 -0.86 -9.89
C LEU B 236 -22.12 -1.25 -11.30
N THR B 237 -21.64 -0.28 -12.09
CA THR B 237 -21.23 -0.55 -13.46
C THR B 237 -19.75 -0.92 -13.46
N PRO B 238 -19.29 -1.78 -14.41
CA PRO B 238 -17.86 -2.10 -14.50
C PRO B 238 -17.03 -0.94 -15.06
N ARG B 239 -15.84 -0.74 -14.49
CA ARG B 239 -14.94 0.33 -14.89
C ARG B 239 -13.87 -0.26 -15.82
N ARG B 240 -13.89 0.15 -17.09
CA ARG B 240 -12.94 -0.32 -18.08
C ARG B 240 -11.65 0.50 -17.98
N TYR B 241 -10.53 -0.13 -18.39
CA TYR B 241 -9.22 0.49 -18.35
C TYR B 241 -8.39 -0.04 -19.52
N GLU B 242 -8.43 0.68 -20.64
CA GLU B 242 -7.78 0.26 -21.87
C GLU B 242 -7.04 1.44 -22.50
N SER B 243 -5.87 1.18 -23.08
CA SER B 243 -5.18 2.16 -23.90
C SER B 243 -4.20 1.44 -24.84
N GLY B 244 -4.25 1.80 -26.13
CA GLY B 244 -3.33 1.27 -27.11
C GLY B 244 -3.38 -0.26 -27.17
N SER B 245 -2.25 -0.88 -27.51
CA SER B 245 -2.11 -2.33 -27.51
C SER B 245 -1.70 -2.82 -26.12
N SER B 246 -0.89 -2.03 -25.41
CA SER B 246 -0.16 -2.52 -24.24
C SER B 246 -1.01 -2.42 -22.97
N VAL B 247 -1.56 -1.24 -22.69
CA VAL B 247 -2.25 -0.97 -21.43
C VAL B 247 -3.61 -1.67 -21.48
N ARG B 248 -3.86 -2.57 -20.51
CA ARG B 248 -5.07 -3.35 -20.47
C ARG B 248 -5.29 -3.86 -19.05
N GLY B 249 -5.98 -3.06 -18.23
CA GLY B 249 -6.34 -3.44 -16.88
C GLY B 249 -7.55 -4.39 -16.87
N ALA B 250 -7.94 -4.83 -15.67
CA ALA B 250 -9.07 -5.73 -15.51
C ALA B 250 -10.29 -4.94 -15.04
N SER B 251 -11.45 -5.21 -15.66
CA SER B 251 -12.69 -4.53 -15.31
C SER B 251 -13.13 -4.97 -13.91
N ARG B 252 -13.35 -3.98 -13.03
CA ARG B 252 -13.91 -4.22 -11.71
C ARG B 252 -15.08 -3.26 -11.50
N MET B 253 -15.98 -3.63 -10.57
CA MET B 253 -17.07 -2.76 -10.16
C MET B 253 -16.49 -1.40 -9.77
N SER B 254 -17.08 -0.32 -10.31
CA SER B 254 -16.51 1.01 -10.16
C SER B 254 -16.57 1.48 -8.70
N LYS B 255 -17.73 1.29 -8.06
CA LYS B 255 -17.98 1.67 -6.68
C LYS B 255 -18.07 3.20 -6.53
N ALA B 256 -18.11 3.94 -7.64
CA ALA B 256 -18.33 5.38 -7.60
C ALA B 256 -19.82 5.66 -7.53
N GLY B 257 -20.38 5.61 -6.32
CA GLY B 257 -21.80 5.84 -6.14
C GLY B 257 -22.25 5.51 -4.72
N HIS B 258 -23.55 5.66 -4.46
CA HIS B 258 -24.10 5.53 -3.13
C HIS B 258 -23.90 4.12 -2.59
N VAL B 259 -23.20 4.04 -1.45
CA VAL B 259 -22.91 2.80 -0.76
C VAL B 259 -24.21 2.16 -0.26
N SER B 260 -25.19 2.98 0.14
CA SER B 260 -26.44 2.50 0.68
C SER B 260 -27.16 1.62 -0.34
N LEU B 261 -27.27 2.10 -1.58
CA LEU B 261 -27.85 1.32 -2.66
C LEU B 261 -27.05 0.02 -2.84
N ARG B 262 -25.73 0.15 -2.96
CA ARG B 262 -24.87 -0.97 -3.25
C ARG B 262 -24.99 -2.03 -2.15
N ARG B 263 -25.13 -1.59 -0.89
CA ARG B 263 -25.28 -2.51 0.23
C ARG B 263 -26.62 -3.24 0.16
N ALA B 264 -27.68 -2.52 -0.24
CA ALA B 264 -29.05 -3.02 -0.16
C ALA B 264 -29.30 -4.17 -1.14
N LEU B 265 -28.56 -4.23 -2.26
CA LEU B 265 -28.95 -5.08 -3.38
C LEU B 265 -28.24 -6.44 -3.36
N TYR B 266 -27.35 -6.67 -2.39
CA TYR B 266 -26.51 -7.86 -2.41
C TYR B 266 -27.34 -9.13 -2.15
N MET B 267 -28.20 -9.10 -1.11
CA MET B 267 -28.98 -10.27 -0.75
C MET B 267 -30.10 -10.50 -1.77
N PRO B 268 -30.84 -9.46 -2.25
CA PRO B 268 -31.72 -9.64 -3.39
C PRO B 268 -31.08 -10.33 -4.59
N ALA B 269 -29.81 -9.98 -4.89
CA ALA B 269 -29.09 -10.58 -6.00
C ALA B 269 -28.85 -12.07 -5.73
N MET B 270 -28.59 -12.40 -4.47
CA MET B 270 -28.35 -13.78 -4.06
C MET B 270 -29.65 -14.57 -4.10
N VAL B 271 -30.76 -13.92 -3.76
CA VAL B 271 -32.08 -14.55 -3.80
C VAL B 271 -32.50 -14.74 -5.27
N ALA B 272 -32.19 -13.77 -6.13
CA ALA B 272 -32.63 -13.80 -7.52
C ALA B 272 -31.92 -14.92 -8.28
N THR B 273 -30.60 -15.01 -8.15
CA THR B 273 -29.80 -15.96 -8.91
C THR B 273 -30.06 -17.39 -8.42
N SER B 274 -30.64 -17.54 -7.22
CA SER B 274 -30.80 -18.86 -6.61
C SER B 274 -32.23 -19.37 -6.77
N LYS B 275 -33.24 -18.52 -6.49
CA LYS B 275 -34.59 -19.00 -6.26
C LYS B 275 -35.56 -18.59 -7.37
N THR B 276 -35.19 -17.61 -8.21
CA THR B 276 -36.13 -17.10 -9.20
C THR B 276 -35.80 -17.68 -10.58
N GLU B 277 -36.81 -17.69 -11.46
CA GLU B 277 -36.68 -18.24 -12.80
C GLU B 277 -35.76 -17.34 -13.64
N TRP B 278 -36.02 -16.03 -13.61
CA TRP B 278 -35.35 -15.08 -14.49
C TRP B 278 -33.90 -14.85 -14.03
N GLY B 279 -33.63 -15.03 -12.74
CA GLY B 279 -32.31 -14.82 -12.19
C GLY B 279 -31.42 -16.06 -12.32
N ARG B 280 -32.04 -17.25 -12.31
CA ARG B 280 -31.32 -18.50 -12.57
C ARG B 280 -30.90 -18.53 -14.04
N ALA B 281 -31.80 -18.13 -14.93
CA ALA B 281 -31.50 -17.99 -16.34
C ALA B 281 -30.24 -17.15 -16.54
N PHE B 282 -30.16 -16.01 -15.85
CA PHE B 282 -29.05 -15.08 -15.97
C PHE B 282 -27.79 -15.68 -15.37
N ARG B 283 -27.92 -16.35 -14.21
CA ARG B 283 -26.80 -17.00 -13.55
C ARG B 283 -26.19 -18.05 -14.46
N ASP B 284 -27.04 -18.92 -15.03
CA ASP B 284 -26.60 -20.07 -15.80
C ASP B 284 -25.82 -19.64 -17.03
N ARG B 285 -26.25 -18.54 -17.68
CA ARG B 285 -25.63 -18.06 -18.90
C ARG B 285 -24.20 -17.59 -18.62
N LEU B 286 -24.00 -16.85 -17.52
CA LEU B 286 -22.69 -16.34 -17.17
C LEU B 286 -21.82 -17.47 -16.62
N ALA B 287 -22.44 -18.43 -15.93
CA ALA B 287 -21.73 -19.59 -15.41
C ALA B 287 -21.26 -20.49 -16.54
N ALA B 288 -21.95 -20.46 -17.69
CA ALA B 288 -21.52 -21.17 -18.88
C ALA B 288 -20.18 -20.61 -19.36
N ASN B 289 -20.01 -19.29 -19.28
CA ASN B 289 -18.72 -18.65 -19.41
C ASN B 289 -17.95 -18.86 -18.10
N GLY B 290 -16.68 -18.44 -18.07
CA GLY B 290 -15.84 -18.63 -16.90
C GLY B 290 -16.04 -17.50 -15.87
N LYS B 291 -17.26 -17.42 -15.31
CA LYS B 291 -17.60 -16.37 -14.36
C LYS B 291 -17.82 -16.99 -12.97
N LYS B 292 -17.19 -16.38 -11.96
CA LYS B 292 -17.22 -16.88 -10.59
C LYS B 292 -18.54 -16.47 -9.94
N GLY B 293 -18.79 -17.01 -8.74
CA GLY B 293 -20.03 -16.79 -8.00
C GLY B 293 -20.26 -15.31 -7.70
N LYS B 294 -19.27 -14.67 -7.07
CA LYS B 294 -19.39 -13.28 -6.65
C LYS B 294 -19.39 -12.35 -7.87
N VAL B 295 -18.76 -12.78 -8.97
CA VAL B 295 -18.79 -12.03 -10.22
C VAL B 295 -20.22 -12.01 -10.75
N ILE B 296 -20.90 -13.16 -10.70
CA ILE B 296 -22.29 -13.26 -11.14
C ILE B 296 -23.18 -12.42 -10.21
N LEU B 297 -22.89 -12.44 -8.91
CA LEU B 297 -23.65 -11.66 -7.94
C LEU B 297 -23.53 -10.17 -8.26
N GLY B 298 -22.29 -9.69 -8.49
CA GLY B 298 -22.06 -8.32 -8.89
C GLY B 298 -22.88 -7.94 -10.13
N ALA B 299 -22.94 -8.84 -11.12
CA ALA B 299 -23.69 -8.60 -12.34
C ALA B 299 -25.18 -8.49 -12.05
N MET B 300 -25.71 -9.36 -11.19
CA MET B 300 -27.13 -9.38 -10.88
C MET B 300 -27.53 -8.11 -10.12
N MET B 301 -26.64 -7.66 -9.22
CA MET B 301 -26.86 -6.42 -8.49
C MET B 301 -27.10 -5.27 -9.46
N ARG B 302 -26.24 -5.15 -10.48
CA ARG B 302 -26.35 -4.12 -11.50
C ARG B 302 -27.67 -4.26 -12.25
N LYS B 303 -28.03 -5.51 -12.61
CA LYS B 303 -29.24 -5.77 -13.37
C LYS B 303 -30.48 -5.36 -12.57
N LEU B 304 -30.51 -5.70 -11.28
CA LEU B 304 -31.66 -5.39 -10.42
C LEU B 304 -31.87 -3.88 -10.37
N ALA B 305 -30.79 -3.11 -10.22
CA ALA B 305 -30.87 -1.66 -10.21
C ALA B 305 -31.51 -1.17 -11.51
N GLN B 306 -31.04 -1.74 -12.62
CA GLN B 306 -31.42 -1.31 -13.96
C GLN B 306 -32.87 -1.69 -14.24
N VAL B 307 -33.31 -2.86 -13.75
CA VAL B 307 -34.68 -3.33 -13.97
C VAL B 307 -35.62 -2.56 -13.04
N ALA B 308 -35.19 -2.28 -11.81
CA ALA B 308 -35.99 -1.52 -10.86
C ALA B 308 -36.39 -0.17 -11.47
N TYR B 309 -35.41 0.53 -12.05
CA TYR B 309 -35.68 1.83 -12.65
C TYR B 309 -36.52 1.65 -13.91
N GLY B 310 -36.19 0.62 -14.70
CA GLY B 310 -36.93 0.30 -15.91
C GLY B 310 -38.42 0.12 -15.64
N VAL B 311 -38.75 -0.72 -14.64
CA VAL B 311 -40.13 -1.08 -14.33
C VAL B 311 -40.90 0.17 -13.90
N LEU B 312 -40.28 1.04 -13.10
CA LEU B 312 -40.94 2.25 -12.63
C LEU B 312 -41.25 3.18 -13.81
N LYS B 313 -40.27 3.35 -14.71
CA LYS B 313 -40.44 4.19 -15.88
C LYS B 313 -41.56 3.64 -16.76
N SER B 314 -41.60 2.31 -16.92
CA SER B 314 -42.62 1.66 -17.74
C SER B 314 -44.00 1.88 -17.13
N GLY B 315 -44.07 1.89 -15.79
CA GLY B 315 -45.29 2.20 -15.08
C GLY B 315 -46.22 0.99 -14.96
N VAL B 316 -45.74 -0.20 -15.35
CA VAL B 316 -46.54 -1.40 -15.34
C VAL B 316 -45.75 -2.49 -14.60
N PRO B 317 -46.42 -3.44 -13.89
CA PRO B 317 -45.72 -4.47 -13.12
C PRO B 317 -44.71 -5.28 -13.94
N PHE B 318 -43.80 -5.94 -13.21
CA PHE B 318 -42.72 -6.71 -13.82
C PHE B 318 -43.31 -7.75 -14.78
N ASP B 319 -42.95 -7.63 -16.06
CA ASP B 319 -43.30 -8.60 -17.07
C ASP B 319 -42.11 -9.53 -17.28
N ALA B 320 -42.29 -10.83 -16.99
CA ALA B 320 -41.23 -11.81 -17.07
C ALA B 320 -40.86 -12.12 -18.52
N SER B 321 -41.81 -11.89 -19.44
CA SER B 321 -41.61 -12.17 -20.86
C SER B 321 -40.41 -11.41 -21.42
N ARG B 322 -40.14 -10.21 -20.85
CA ARG B 322 -39.10 -9.33 -21.36
C ARG B 322 -37.71 -9.88 -21.00
N HIS B 323 -37.66 -10.91 -20.14
CA HIS B 323 -36.40 -11.53 -19.74
C HIS B 323 -36.48 -13.04 -19.99
N LEU C 7 -14.51 28.21 -34.76
CA LEU C 7 -13.35 27.44 -34.26
C LEU C 7 -13.82 26.08 -33.75
N HIS C 8 -13.25 25.01 -34.31
CA HIS C 8 -13.50 23.65 -33.85
C HIS C 8 -12.51 23.31 -32.74
N TYR C 9 -12.85 22.28 -31.96
CA TYR C 9 -11.97 21.77 -30.91
C TYR C 9 -11.78 20.27 -31.14
N ILE C 10 -10.53 19.87 -31.37
CA ILE C 10 -10.21 18.49 -31.74
C ILE C 10 -9.37 17.86 -30.63
N GLY C 11 -9.70 16.61 -30.28
CA GLY C 11 -8.90 15.81 -29.35
C GLY C 11 -8.37 14.56 -30.05
N ILE C 12 -7.08 14.27 -29.82
CA ILE C 12 -6.44 13.10 -30.42
C ILE C 12 -5.83 12.24 -29.31
N ASP C 13 -6.33 11.01 -29.17
CA ASP C 13 -5.66 9.99 -28.38
C ASP C 13 -4.66 9.27 -29.30
N THR C 14 -3.47 8.98 -28.78
CA THR C 14 -2.37 8.49 -29.58
C THR C 14 -1.95 7.09 -29.10
N ALA C 15 -1.64 6.23 -30.08
CA ALA C 15 -1.05 4.93 -29.83
C ALA C 15 0.05 4.71 -30.86
N LYS C 16 0.83 3.63 -30.70
CA LYS C 16 1.89 3.31 -31.64
C LYS C 16 1.31 3.20 -33.05
N GLU C 17 0.18 2.50 -33.19
CA GLU C 17 -0.33 2.09 -34.49
C GLU C 17 -1.48 2.97 -34.97
N LYS C 18 -2.38 3.38 -34.06
CA LYS C 18 -3.62 4.04 -34.46
C LYS C 18 -3.72 5.43 -33.81
N LEU C 19 -4.58 6.27 -34.40
CA LEU C 19 -4.99 7.55 -33.83
C LEU C 19 -6.51 7.59 -33.73
N ASP C 20 -7.02 8.02 -32.57
CA ASP C 20 -8.45 8.24 -32.38
C ASP C 20 -8.71 9.75 -32.33
N VAL C 21 -9.54 10.23 -33.27
CA VAL C 21 -9.79 11.66 -33.44
C VAL C 21 -11.24 11.94 -33.06
N ASP C 22 -11.47 13.08 -32.40
CA ASP C 22 -12.78 13.51 -31.98
C ASP C 22 -12.92 15.01 -32.20
N VAL C 23 -13.72 15.39 -33.21
CA VAL C 23 -13.99 16.79 -33.50
C VAL C 23 -15.20 17.21 -32.67
N LEU C 24 -15.14 18.41 -32.10
CA LEU C 24 -16.26 19.00 -31.39
C LEU C 24 -16.66 20.29 -32.11
N ARG C 25 -17.82 20.24 -32.79
CA ARG C 25 -18.23 21.31 -33.68
C ARG C 25 -18.80 22.47 -32.86
N PRO C 26 -18.76 23.73 -33.36
CA PRO C 26 -19.34 24.87 -32.64
C PRO C 26 -20.76 24.64 -32.13
N ASP C 27 -21.59 23.96 -32.93
CA ASP C 27 -22.98 23.71 -32.58
C ASP C 27 -23.05 22.78 -31.38
N GLY C 28 -22.12 21.82 -31.29
CA GLY C 28 -21.99 20.96 -30.12
C GLY C 28 -21.94 19.46 -30.47
N ARG C 29 -22.21 19.11 -31.74
CA ARG C 29 -22.19 17.72 -32.15
C ARG C 29 -20.74 17.28 -32.39
N HIS C 30 -20.52 15.96 -32.34
CA HIS C 30 -19.18 15.39 -32.48
C HIS C 30 -19.02 14.72 -33.85
N ARG C 31 -17.75 14.57 -34.27
CA ARG C 31 -17.38 13.71 -35.39
C ARG C 31 -16.16 12.90 -34.97
N THR C 32 -16.18 11.58 -35.24
CA THR C 32 -15.14 10.68 -34.77
C THR C 32 -14.68 9.79 -35.92
N LYS C 33 -13.37 9.52 -35.97
CA LYS C 33 -12.78 8.62 -36.95
C LYS C 33 -11.43 8.13 -36.44
N LYS C 34 -11.07 6.89 -36.82
CA LYS C 34 -9.78 6.31 -36.50
C LYS C 34 -8.85 6.39 -37.72
N PHE C 35 -7.56 6.58 -37.47
CA PHE C 35 -6.56 6.67 -38.53
C PHE C 35 -5.32 5.89 -38.11
N ALA C 36 -4.55 5.41 -39.10
CA ALA C 36 -3.26 4.80 -38.84
C ALA C 36 -2.26 5.88 -38.46
N ASN C 37 -1.36 5.55 -37.53
CA ASN C 37 -0.37 6.51 -37.04
C ASN C 37 0.87 6.42 -37.93
N THR C 38 0.70 6.82 -39.21
CA THR C 38 1.74 6.76 -40.21
C THR C 38 1.68 8.04 -41.04
N THR C 39 2.68 8.24 -41.91
CA THR C 39 2.72 9.39 -42.80
C THR C 39 1.50 9.41 -43.72
N LYS C 40 1.09 8.22 -44.19
CA LYS C 40 -0.08 8.09 -45.05
C LYS C 40 -1.33 8.44 -44.25
N GLY C 41 -1.42 7.93 -43.02
CA GLY C 41 -2.55 8.17 -42.14
C GLY C 41 -2.69 9.65 -41.78
N HIS C 42 -1.55 10.33 -41.60
CA HIS C 42 -1.54 11.74 -41.24
C HIS C 42 -2.08 12.59 -42.40
N ASP C 43 -1.85 12.13 -43.64
CA ASP C 43 -2.39 12.81 -44.82
C ASP C 43 -3.89 12.58 -44.90
N GLU C 44 -4.34 11.36 -44.55
CA GLU C 44 -5.75 11.01 -44.53
C GLU C 44 -6.50 11.86 -43.50
N LEU C 45 -5.81 12.22 -42.40
CA LEU C 45 -6.40 13.01 -41.33
C LEU C 45 -6.66 14.44 -41.82
N VAL C 46 -5.63 15.08 -42.41
CA VAL C 46 -5.73 16.47 -42.84
C VAL C 46 -6.78 16.57 -43.94
N SER C 47 -6.79 15.59 -44.86
CA SER C 47 -7.77 15.53 -45.93
C SER C 47 -9.19 15.45 -45.36
N TRP C 48 -9.37 14.61 -44.32
CA TRP C 48 -10.67 14.39 -43.71
C TRP C 48 -11.19 15.67 -43.06
N LEU C 49 -10.29 16.43 -42.41
CA LEU C 49 -10.66 17.66 -41.73
C LEU C 49 -11.11 18.69 -42.76
N LYS C 50 -10.31 18.86 -43.82
CA LYS C 50 -10.61 19.82 -44.87
C LYS C 50 -11.80 19.35 -45.70
N GLY C 51 -12.06 18.04 -45.69
CA GLY C 51 -13.27 17.46 -46.24
C GLY C 51 -14.52 18.07 -45.60
N HIS C 52 -14.54 18.15 -44.26
CA HIS C 52 -15.68 18.69 -43.53
C HIS C 52 -15.53 20.20 -43.32
N LYS C 53 -14.73 20.86 -44.15
CA LYS C 53 -14.57 22.30 -44.13
C LYS C 53 -14.17 22.76 -42.73
N ILE C 54 -13.09 22.17 -42.20
CA ILE C 54 -12.51 22.58 -40.92
C ILE C 54 -11.16 23.22 -41.23
N ASP C 55 -11.17 24.55 -41.38
CA ASP C 55 -9.99 25.31 -41.79
C ASP C 55 -9.41 26.07 -40.59
N HIS C 56 -10.07 25.98 -39.43
CA HIS C 56 -9.66 26.72 -38.24
C HIS C 56 -10.05 25.93 -37.01
N ALA C 57 -9.06 25.37 -36.30
CA ALA C 57 -9.31 24.47 -35.18
C ALA C 57 -8.17 24.53 -34.18
N HIS C 58 -8.49 24.25 -32.91
CA HIS C 58 -7.50 24.07 -31.86
C HIS C 58 -7.44 22.60 -31.49
N ILE C 59 -6.26 21.99 -31.66
CA ILE C 59 -6.08 20.56 -31.49
C ILE C 59 -5.35 20.31 -30.17
N CYS C 60 -5.80 19.30 -29.42
CA CYS C 60 -5.24 18.95 -28.14
C CYS C 60 -4.81 17.49 -28.16
N ILE C 61 -3.61 17.21 -27.63
CA ILE C 61 -3.01 15.88 -27.69
C ILE C 61 -2.08 15.72 -26.49
N GLU C 62 -2.06 14.50 -25.92
CA GLU C 62 -1.25 14.20 -24.75
C GLU C 62 0.19 13.90 -25.19
N ALA C 63 1.15 14.24 -24.32
CA ALA C 63 2.52 13.80 -24.50
C ALA C 63 2.61 12.31 -24.21
N THR C 64 2.70 11.50 -25.27
CA THR C 64 2.63 10.05 -25.16
C THR C 64 3.85 9.45 -25.84
N GLY C 65 4.95 9.34 -25.09
CA GLY C 65 6.23 8.91 -25.65
C GLY C 65 6.66 9.87 -26.75
N THR C 66 7.07 9.32 -27.90
CA THR C 66 7.39 10.09 -29.08
C THR C 66 6.46 9.68 -30.23
N TYR C 67 5.30 9.10 -29.88
CA TYR C 67 4.36 8.59 -30.86
C TYR C 67 3.43 9.71 -31.34
N MET C 68 3.39 10.83 -30.61
CA MET C 68 2.49 11.92 -30.92
C MET C 68 3.21 13.02 -31.70
N GLU C 69 4.54 12.92 -31.84
CA GLU C 69 5.36 14.01 -32.37
C GLU C 69 5.13 14.17 -33.87
N PRO C 70 5.14 13.10 -34.71
CA PRO C 70 4.95 13.26 -36.14
C PRO C 70 3.64 13.94 -36.54
N VAL C 71 2.53 13.56 -35.88
CA VAL C 71 1.21 14.09 -36.23
C VAL C 71 1.11 15.53 -35.74
N ALA C 72 1.72 15.84 -34.58
CA ALA C 72 1.70 17.19 -34.04
C ALA C 72 2.35 18.16 -35.01
N GLU C 73 3.48 17.76 -35.61
CA GLU C 73 4.19 18.58 -36.57
C GLU C 73 3.37 18.72 -37.86
N CYS C 74 2.70 17.61 -38.25
CA CYS C 74 1.90 17.58 -39.47
C CYS C 74 0.77 18.60 -39.40
N LEU C 75 0.09 18.66 -38.25
CA LEU C 75 -1.06 19.52 -38.07
C LEU C 75 -0.62 20.97 -37.87
N TYR C 76 0.57 21.15 -37.30
CA TYR C 76 1.18 22.47 -37.15
C TYR C 76 1.49 23.05 -38.54
N ASP C 77 1.95 22.19 -39.45
CA ASP C 77 2.31 22.60 -40.80
C ASP C 77 1.06 22.84 -41.64
N ALA C 78 -0.01 22.06 -41.38
CA ALA C 78 -1.29 22.25 -42.04
C ALA C 78 -1.92 23.58 -41.64
N GLY C 79 -1.48 24.11 -40.48
CA GLY C 79 -1.85 25.46 -40.05
C GLY C 79 -2.99 25.43 -39.04
N TYR C 80 -2.89 24.51 -38.06
CA TYR C 80 -3.82 24.43 -36.96
C TYR C 80 -3.07 24.78 -35.68
N ILE C 81 -3.83 25.20 -34.64
CA ILE C 81 -3.26 25.47 -33.33
C ILE C 81 -3.14 24.14 -32.59
N VAL C 82 -1.91 23.67 -32.37
CA VAL C 82 -1.67 22.41 -31.69
C VAL C 82 -1.25 22.72 -30.26
N SER C 83 -1.74 21.92 -29.30
CA SER C 83 -1.28 21.97 -27.92
C SER C 83 -0.96 20.55 -27.45
N VAL C 84 0.26 20.36 -26.95
CA VAL C 84 0.70 19.06 -26.45
C VAL C 84 0.70 19.12 -24.92
N ILE C 85 -0.32 18.54 -24.28
CA ILE C 85 -0.58 18.78 -22.87
C ILE C 85 0.17 17.75 -22.04
N ASN C 86 0.52 18.15 -20.81
CA ASN C 86 1.09 17.25 -19.83
C ASN C 86 0.04 16.19 -19.50
N PRO C 87 0.36 14.88 -19.60
CA PRO C 87 -0.64 13.82 -19.38
C PRO C 87 -1.27 13.82 -17.99
N ALA C 88 -0.60 14.39 -16.99
CA ALA C 88 -1.11 14.40 -15.62
C ALA C 88 -2.33 15.32 -15.53
N LEU C 89 -2.32 16.43 -16.28
CA LEU C 89 -3.45 17.34 -16.31
C LEU C 89 -4.66 16.61 -16.87
N GLY C 90 -4.45 15.83 -17.94
CA GLY C 90 -5.51 15.10 -18.61
C GLY C 90 -6.24 14.15 -17.65
N LYS C 91 -5.47 13.43 -16.83
CA LYS C 91 -6.01 12.44 -15.92
C LYS C 91 -6.87 13.14 -14.88
N ALA C 92 -6.37 14.26 -14.32
CA ALA C 92 -7.09 15.03 -13.33
C ALA C 92 -8.38 15.59 -13.93
N PHE C 93 -8.32 16.04 -15.19
CA PHE C 93 -9.47 16.62 -15.86
C PHE C 93 -10.56 15.57 -16.03
N ALA C 94 -10.16 14.34 -16.40
CA ALA C 94 -11.10 13.24 -16.54
C ALA C 94 -11.88 13.04 -15.25
N GLN C 95 -11.16 13.11 -14.11
CA GLN C 95 -11.75 12.92 -12.80
C GLN C 95 -12.66 14.09 -12.45
N SER C 96 -12.32 15.30 -12.93
CA SER C 96 -13.17 16.46 -12.73
C SER C 96 -14.45 16.35 -13.56
N GLU C 97 -14.39 15.58 -14.66
CA GLU C 97 -15.55 15.35 -15.52
C GLU C 97 -16.38 14.16 -15.00
N GLY C 98 -15.85 13.42 -14.02
CA GLY C 98 -16.59 12.36 -13.37
C GLY C 98 -16.67 11.08 -14.21
N LEU C 99 -15.72 10.91 -15.14
CA LEU C 99 -15.77 9.79 -16.09
C LEU C 99 -15.48 8.48 -15.36
N ARG C 100 -16.16 7.40 -15.79
CA ARG C 100 -16.15 6.13 -15.09
C ARG C 100 -15.45 5.05 -15.92
N ASN C 101 -14.89 5.41 -17.08
CA ASN C 101 -14.22 4.45 -17.94
C ASN C 101 -12.99 5.10 -18.58
N LYS C 102 -11.99 4.27 -18.92
CA LYS C 102 -10.84 4.71 -19.70
C LYS C 102 -10.74 3.85 -20.95
N THR C 103 -11.10 4.46 -22.10
CA THR C 103 -10.93 3.84 -23.40
C THR C 103 -10.37 4.90 -24.34
N ASP C 104 -10.01 4.48 -25.57
CA ASP C 104 -9.36 5.38 -26.52
C ASP C 104 -10.33 6.42 -27.05
N THR C 105 -11.61 6.04 -27.25
CA THR C 105 -12.61 6.96 -27.77
C THR C 105 -13.06 7.91 -26.66
N VAL C 106 -13.07 7.43 -25.42
CA VAL C 106 -13.40 8.26 -24.26
C VAL C 106 -12.31 9.33 -24.10
N ASP C 107 -11.04 8.90 -24.21
CA ASP C 107 -9.90 9.79 -24.04
C ASP C 107 -9.89 10.86 -25.13
N ALA C 108 -10.21 10.48 -26.38
CA ALA C 108 -10.20 11.42 -27.49
C ALA C 108 -11.27 12.50 -27.30
N ARG C 109 -12.42 12.12 -26.76
CA ARG C 109 -13.52 13.04 -26.52
C ARG C 109 -13.18 13.94 -25.33
N MET C 110 -12.57 13.36 -24.29
CA MET C 110 -12.13 14.08 -23.11
C MET C 110 -11.17 15.21 -23.50
N LEU C 111 -10.31 14.96 -24.48
CA LEU C 111 -9.28 15.92 -24.87
C LEU C 111 -9.88 17.08 -25.65
N ALA C 112 -11.00 16.84 -26.35
CA ALA C 112 -11.69 17.90 -27.05
C ALA C 112 -12.30 18.88 -26.05
N GLU C 113 -12.87 18.34 -24.97
CA GLU C 113 -13.42 19.16 -23.89
C GLU C 113 -12.32 19.92 -23.17
N PHE C 114 -11.21 19.23 -22.86
CA PHE C 114 -10.07 19.86 -22.23
C PHE C 114 -9.69 21.11 -23.04
N CYS C 115 -9.62 20.93 -24.36
CA CYS C 115 -9.25 22.01 -25.26
C CYS C 115 -10.22 23.18 -25.11
N ARG C 116 -11.53 22.88 -25.13
CA ARG C 116 -12.56 23.91 -25.14
C ARG C 116 -12.58 24.68 -23.82
N GLN C 117 -12.56 23.95 -22.70
CA GLN C 117 -12.74 24.55 -21.38
C GLN C 117 -11.49 25.30 -20.96
N LYS C 118 -10.31 24.65 -21.09
CA LYS C 118 -9.07 25.18 -20.56
C LYS C 118 -8.43 26.18 -21.52
N ARG C 119 -8.56 25.94 -22.83
CA ARG C 119 -7.88 26.72 -23.85
C ARG C 119 -6.37 26.77 -23.56
N PRO C 120 -5.64 25.64 -23.68
CA PRO C 120 -4.22 25.62 -23.32
C PRO C 120 -3.34 26.41 -24.28
N ALA C 121 -2.09 26.66 -23.87
CA ALA C 121 -1.13 27.41 -24.68
C ALA C 121 -0.73 26.60 -25.90
N ALA C 122 -0.41 27.31 -26.99
CA ALA C 122 -0.04 26.68 -28.24
C ALA C 122 1.36 26.08 -28.13
N TRP C 123 1.58 24.98 -28.87
CA TRP C 123 2.83 24.26 -28.90
C TRP C 123 3.64 24.70 -30.11
N GLU C 124 4.98 24.61 -29.99
CA GLU C 124 5.89 24.99 -31.06
C GLU C 124 6.99 23.95 -31.17
N ALA C 125 7.19 23.41 -32.38
CA ALA C 125 8.21 22.39 -32.61
C ALA C 125 9.60 22.98 -32.34
N PRO C 126 10.46 22.30 -31.54
CA PRO C 126 11.79 22.83 -31.25
C PRO C 126 12.68 22.96 -32.49
N HIS C 127 13.70 23.81 -32.38
CA HIS C 127 14.67 24.01 -33.45
C HIS C 127 15.45 22.72 -33.65
N PRO C 128 15.83 22.34 -34.90
CA PRO C 128 16.60 21.10 -35.11
C PRO C 128 17.85 20.96 -34.25
N LEU C 129 18.55 22.08 -33.99
CA LEU C 129 19.75 22.07 -33.18
C LEU C 129 19.39 21.77 -31.72
N GLU C 130 18.26 22.32 -31.25
CA GLU C 130 17.79 22.08 -29.90
C GLU C 130 17.45 20.59 -29.73
N ARG C 131 16.83 20.00 -30.76
CA ARG C 131 16.50 18.58 -30.76
C ARG C 131 17.78 17.74 -30.74
N ALA C 132 18.77 18.15 -31.53
CA ALA C 132 20.04 17.44 -31.63
C ALA C 132 20.80 17.51 -30.30
N LEU C 133 20.88 18.72 -29.72
CA LEU C 133 21.62 18.91 -28.48
C LEU C 133 20.98 18.08 -27.37
N ARG C 134 19.65 18.19 -27.23
CA ARG C 134 18.91 17.45 -26.22
C ARG C 134 19.19 15.95 -26.32
N ALA C 135 19.21 15.42 -27.56
CA ALA C 135 19.34 13.99 -27.78
C ALA C 135 20.71 13.49 -27.33
N LEU C 136 21.76 14.28 -27.59
CA LEU C 136 23.12 13.93 -27.21
C LEU C 136 23.28 14.00 -25.69
N VAL C 137 22.69 15.01 -25.07
CA VAL C 137 22.78 15.20 -23.62
C VAL C 137 22.10 14.03 -22.91
N VAL C 138 20.98 13.56 -23.47
CA VAL C 138 20.23 12.44 -22.90
C VAL C 138 21.02 11.15 -23.10
N ARG C 139 21.68 11.00 -24.25
CA ARG C 139 22.51 9.83 -24.51
C ARG C 139 23.69 9.80 -23.55
N HIS C 140 24.30 10.97 -23.31
CA HIS C 140 25.46 11.09 -22.44
C HIS C 140 25.11 10.67 -21.00
N GLN C 141 23.89 11.01 -20.54
N GLN C 141 23.89 11.00 -20.54
CA GLN C 141 23.46 10.66 -19.19
CA GLN C 141 23.46 10.67 -19.20
C GLN C 141 23.30 9.14 -19.08
C GLN C 141 23.25 9.15 -19.06
N ALA C 142 22.80 8.53 -20.16
CA ALA C 142 22.55 7.09 -20.18
C ALA C 142 23.87 6.33 -20.03
N LEU C 143 24.91 6.77 -20.77
CA LEU C 143 26.19 6.09 -20.76
C LEU C 143 26.92 6.33 -19.45
N THR C 144 26.68 7.48 -18.82
CA THR C 144 27.25 7.76 -17.51
C THR C 144 26.63 6.82 -16.46
N ASP C 145 25.31 6.59 -16.55
CA ASP C 145 24.63 5.69 -15.64
C ASP C 145 25.19 4.28 -15.78
N MET C 146 25.38 3.82 -17.02
CA MET C 146 25.90 2.48 -17.27
C MET C 146 27.33 2.38 -16.74
N HIS C 147 28.15 3.42 -16.95
CA HIS C 147 29.52 3.44 -16.47
C HIS C 147 29.58 3.36 -14.95
N THR C 148 28.59 3.96 -14.27
CA THR C 148 28.53 3.97 -12.81
C THR C 148 28.11 2.59 -12.32
N GLN C 149 27.22 1.92 -13.06
CA GLN C 149 26.81 0.56 -12.71
C GLN C 149 28.03 -0.36 -12.70
N GLU C 150 28.88 -0.23 -13.71
CA GLU C 150 30.02 -1.13 -13.88
C GLU C 150 31.14 -0.78 -12.91
N LEU C 151 31.19 0.47 -12.43
CA LEU C 151 32.12 0.85 -11.37
C LEU C 151 31.70 0.19 -10.06
N ASN C 152 30.41 0.24 -9.73
CA ASN C 152 29.90 -0.38 -8.52
C ASN C 152 30.29 -1.87 -8.48
N ARG C 153 30.34 -2.51 -9.65
CA ARG C 153 30.56 -3.94 -9.72
C ARG C 153 32.01 -4.30 -9.37
N THR C 154 32.97 -3.44 -9.73
CA THR C 154 34.38 -3.70 -9.45
C THR C 154 34.60 -3.87 -7.94
N GLU C 155 33.75 -3.21 -7.13
CA GLU C 155 33.85 -3.26 -5.68
C GLU C 155 33.82 -4.70 -5.18
N THR C 156 32.90 -5.51 -5.71
CA THR C 156 32.65 -6.85 -5.19
C THR C 156 32.86 -7.91 -6.26
N ALA C 157 33.56 -7.57 -7.35
CA ALA C 157 33.69 -8.46 -8.49
C ALA C 157 34.58 -9.65 -8.12
N ARG C 158 34.27 -10.82 -8.70
CA ARG C 158 35.14 -11.99 -8.61
C ARG C 158 36.28 -11.79 -9.60
N GLU C 159 37.39 -12.52 -9.41
CA GLU C 159 38.59 -12.34 -10.22
C GLU C 159 38.30 -12.68 -11.68
N VAL C 160 37.43 -13.68 -11.92
CA VAL C 160 37.16 -14.16 -13.27
C VAL C 160 36.21 -13.19 -13.97
N GLN C 161 35.43 -12.42 -13.21
CA GLN C 161 34.49 -11.45 -13.75
C GLN C 161 35.19 -10.16 -14.17
N ARG C 162 36.39 -9.92 -13.62
CA ARG C 162 37.00 -8.60 -13.63
C ARG C 162 37.51 -8.23 -15.03
N PRO C 163 38.12 -9.14 -15.85
CA PRO C 163 38.49 -8.79 -17.22
C PRO C 163 37.34 -8.27 -18.07
N SER C 164 36.15 -8.85 -17.89
CA SER C 164 34.96 -8.45 -18.64
C SER C 164 34.54 -7.03 -18.26
N ILE C 165 34.62 -6.71 -16.96
CA ILE C 165 34.16 -5.42 -16.45
C ILE C 165 35.13 -4.33 -16.91
N ASP C 166 36.43 -4.61 -16.78
CA ASP C 166 37.47 -3.65 -17.16
C ASP C 166 37.35 -3.28 -18.63
N ALA C 167 37.08 -4.26 -19.50
CA ALA C 167 36.97 -4.02 -20.92
C ALA C 167 35.78 -3.13 -21.23
N HIS C 168 34.67 -3.31 -20.51
CA HIS C 168 33.46 -2.53 -20.75
C HIS C 168 33.67 -1.09 -20.28
N LEU C 169 34.37 -0.91 -19.16
CA LEU C 169 34.67 0.40 -18.62
C LEU C 169 35.53 1.20 -19.61
N LEU C 170 36.49 0.53 -20.25
CA LEU C 170 37.33 1.19 -21.24
C LEU C 170 36.47 1.65 -22.41
N TRP C 171 35.57 0.78 -22.87
CA TRP C 171 34.72 1.10 -24.00
C TRP C 171 33.86 2.32 -23.66
N LEU C 172 33.22 2.29 -22.49
CA LEU C 172 32.27 3.32 -22.07
C LEU C 172 32.99 4.66 -21.91
N GLU C 173 34.24 4.64 -21.45
CA GLU C 173 35.00 5.86 -21.20
C GLU C 173 35.38 6.53 -22.52
N ALA C 174 35.72 5.71 -23.52
CA ALA C 174 36.04 6.21 -24.86
C ALA C 174 34.81 6.84 -25.49
N GLU C 175 33.64 6.22 -25.27
CA GLU C 175 32.41 6.59 -25.93
C GLU C 175 31.87 7.89 -25.32
N LEU C 176 31.97 8.02 -24.00
CA LEU C 176 31.59 9.25 -23.31
C LEU C 176 32.45 10.41 -23.80
N LYS C 177 33.76 10.15 -23.99
CA LYS C 177 34.68 11.15 -24.47
C LYS C 177 34.31 11.58 -25.90
N ARG C 178 33.81 10.64 -26.70
CA ARG C 178 33.44 10.92 -28.08
C ARG C 178 32.22 11.84 -28.12
N LEU C 179 31.22 11.57 -27.27
CA LEU C 179 29.99 12.36 -27.26
C LEU C 179 30.29 13.78 -26.79
N GLU C 180 31.11 13.91 -25.74
CA GLU C 180 31.48 15.20 -25.20
C GLU C 180 32.07 16.08 -26.30
N LYS C 181 32.77 15.48 -27.26
CA LYS C 181 33.34 16.20 -28.38
C LYS C 181 32.25 16.55 -29.39
N GLN C 182 31.30 15.63 -29.60
CA GLN C 182 30.20 15.83 -30.52
C GLN C 182 29.30 16.97 -30.04
N ILE C 183 29.16 17.10 -28.71
CA ILE C 183 28.38 18.16 -28.10
C ILE C 183 29.12 19.48 -28.28
N LYS C 184 30.45 19.46 -28.07
CA LYS C 184 31.27 20.66 -28.19
C LYS C 184 31.24 21.17 -29.62
N ASP C 185 31.32 20.26 -30.60
CA ASP C 185 31.30 20.64 -32.00
C ASP C 185 29.95 21.21 -32.40
N LEU C 186 28.88 20.74 -31.75
CA LEU C 186 27.53 21.20 -32.05
C LEU C 186 27.35 22.64 -31.56
N THR C 187 27.78 22.93 -30.33
CA THR C 187 27.55 24.23 -29.72
C THR C 187 28.54 25.26 -30.27
N ASP C 188 29.71 24.82 -30.78
CA ASP C 188 30.68 25.73 -31.35
C ASP C 188 30.25 26.21 -32.73
N ASP C 189 29.64 25.31 -33.52
CA ASP C 189 29.24 25.65 -34.89
C ASP C 189 28.21 26.78 -34.88
N ASP C 190 27.18 26.66 -34.02
CA ASP C 190 26.13 27.67 -33.94
C ASP C 190 26.67 28.88 -33.16
N PRO C 191 26.74 30.09 -33.75
CA PRO C 191 27.29 31.25 -33.06
C PRO C 191 26.51 31.66 -31.81
N ASP C 192 25.19 31.41 -31.82
CA ASP C 192 24.34 31.71 -30.68
C ASP C 192 24.72 30.79 -29.51
N MET C 193 24.63 29.47 -29.72
CA MET C 193 24.88 28.49 -28.67
C MET C 193 26.30 28.65 -28.13
N LYS C 194 27.27 28.97 -29.01
CA LYS C 194 28.65 29.17 -28.60
C LYS C 194 28.72 30.27 -27.54
N HIS C 195 28.00 31.38 -27.80
CA HIS C 195 28.01 32.53 -26.92
C HIS C 195 27.22 32.23 -25.65
N ARG C 196 26.07 31.56 -25.78
CA ARG C 196 25.18 31.34 -24.65
C ARG C 196 25.80 30.34 -23.68
N ARG C 197 26.62 29.41 -24.19
CA ARG C 197 27.26 28.41 -23.35
C ARG C 197 28.36 29.06 -22.52
N LYS C 198 29.07 30.04 -23.09
CA LYS C 198 30.19 30.68 -22.43
C LYS C 198 29.69 31.54 -21.27
N LEU C 199 28.46 32.07 -21.37
CA LEU C 199 27.87 32.87 -20.31
C LEU C 199 27.48 31.97 -19.14
N LEU C 200 26.97 30.76 -19.44
CA LEU C 200 26.58 29.81 -18.43
C LEU C 200 27.81 29.35 -17.65
N GLU C 201 28.94 29.15 -18.34
CA GLU C 201 30.16 28.64 -17.73
C GLU C 201 30.83 29.71 -16.86
N SER C 202 30.49 30.98 -17.07
CA SER C 202 31.01 32.07 -16.25
C SER C 202 30.53 31.93 -14.81
N ILE C 203 29.39 31.28 -14.61
CA ILE C 203 28.83 31.08 -13.28
C ILE C 203 29.75 30.14 -12.51
N PRO C 204 30.23 30.50 -11.30
CA PRO C 204 31.02 29.58 -10.48
C PRO C 204 30.18 28.43 -9.94
N GLY C 205 30.52 27.19 -10.36
CA GLY C 205 29.74 26.01 -10.04
C GLY C 205 29.23 25.31 -11.30
N ILE C 206 29.20 26.04 -12.43
CA ILE C 206 28.73 25.51 -13.70
C ILE C 206 29.94 25.30 -14.61
N GLY C 207 30.15 24.05 -15.03
CA GLY C 207 31.25 23.69 -15.91
C GLY C 207 30.76 23.20 -17.26
N GLU C 208 31.65 22.47 -17.98
CA GLU C 208 31.38 21.99 -19.32
C GLU C 208 30.10 21.16 -19.38
N LYS C 209 29.93 20.24 -18.43
CA LYS C 209 28.85 19.28 -18.49
C LYS C 209 27.52 19.95 -18.16
N THR C 210 27.49 20.77 -17.11
CA THR C 210 26.25 21.36 -16.63
C THR C 210 25.77 22.43 -17.60
N SER C 211 26.71 23.08 -18.31
CA SER C 211 26.37 24.08 -19.30
C SER C 211 25.59 23.44 -20.44
N ALA C 212 26.02 22.24 -20.87
CA ALA C 212 25.37 21.54 -21.98
C ALA C 212 23.94 21.13 -21.61
N VAL C 213 23.72 20.75 -20.35
CA VAL C 213 22.41 20.26 -19.93
C VAL C 213 21.46 21.44 -19.81
N LEU C 214 21.91 22.53 -19.17
CA LEU C 214 21.08 23.72 -19.01
C LEU C 214 20.65 24.23 -20.39
N LEU C 215 21.59 24.31 -21.32
CA LEU C 215 21.33 24.87 -22.64
C LEU C 215 20.36 23.98 -23.42
N ALA C 216 20.41 22.67 -23.16
CA ALA C 216 19.56 21.70 -23.85
C ALA C 216 18.08 21.87 -23.47
N TYR C 217 17.82 22.38 -22.25
CA TYR C 217 16.46 22.53 -21.76
C TYR C 217 15.99 23.99 -21.86
N ILE C 218 16.92 24.95 -21.84
CA ILE C 218 16.57 26.36 -21.99
C ILE C 218 16.30 26.65 -23.46
N GLY C 219 17.16 26.11 -24.36
CA GLY C 219 16.98 26.28 -25.79
C GLY C 219 17.71 27.52 -26.31
N LEU C 220 17.33 27.96 -27.52
CA LEU C 220 17.95 29.09 -28.18
C LEU C 220 17.23 30.38 -27.80
N LYS C 221 15.90 30.38 -27.94
CA LYS C 221 15.09 31.56 -27.67
C LYS C 221 14.76 31.60 -26.17
N ASP C 222 14.28 32.76 -25.71
CA ASP C 222 13.82 32.94 -24.34
C ASP C 222 12.34 32.56 -24.27
N ARG C 223 12.07 31.26 -24.02
CA ARG C 223 10.72 30.73 -24.03
C ARG C 223 10.07 30.90 -22.66
N PHE C 224 10.87 31.23 -21.63
CA PHE C 224 10.35 31.54 -20.30
C PHE C 224 10.39 33.05 -20.11
N ALA C 225 9.33 33.61 -19.52
CA ALA C 225 9.21 35.04 -19.32
C ALA C 225 10.05 35.46 -18.12
N HIS C 226 10.06 34.63 -17.07
CA HIS C 226 10.77 34.94 -15.83
C HIS C 226 11.61 33.73 -15.41
N ALA C 227 12.69 34.01 -14.68
CA ALA C 227 13.66 32.99 -14.29
C ALA C 227 13.04 31.99 -13.33
N ARG C 228 12.10 32.47 -12.49
CA ARG C 228 11.44 31.63 -11.49
C ARG C 228 10.60 30.56 -12.17
N GLN C 229 10.17 30.81 -13.41
CA GLN C 229 9.43 29.83 -14.18
C GLN C 229 10.35 28.69 -14.62
N PHE C 230 11.60 29.02 -14.97
CA PHE C 230 12.57 28.00 -15.34
C PHE C 230 12.85 27.09 -14.16
N ALA C 231 12.95 27.66 -12.95
CA ALA C 231 13.20 26.88 -11.75
C ALA C 231 12.02 25.95 -11.47
N ALA C 232 10.80 26.41 -11.77
CA ALA C 232 9.59 25.60 -11.63
C ALA C 232 9.61 24.46 -12.63
N PHE C 233 10.04 24.75 -13.86
CA PHE C 233 10.12 23.77 -14.94
C PHE C 233 11.05 22.61 -14.57
N ALA C 234 12.01 22.85 -13.67
CA ALA C 234 12.98 21.84 -13.27
C ALA C 234 12.49 21.04 -12.06
N GLY C 235 11.34 21.42 -11.48
CA GLY C 235 10.78 20.71 -10.34
C GLY C 235 11.51 21.03 -9.04
N LEU C 236 12.08 22.25 -8.95
CA LEU C 236 12.96 22.61 -7.85
C LEU C 236 12.28 23.50 -6.82
N THR C 237 11.09 24.04 -7.14
CA THR C 237 10.41 24.96 -6.24
C THR C 237 9.62 24.15 -5.21
N PRO C 238 9.49 24.62 -3.94
CA PRO C 238 8.76 23.87 -2.92
C PRO C 238 7.26 23.90 -3.12
N ARG C 239 6.56 22.96 -2.45
CA ARG C 239 5.12 22.87 -2.52
C ARG C 239 4.55 22.76 -1.08
N ARG C 252 8.48 20.41 1.06
CA ARG C 252 9.14 19.48 0.11
C ARG C 252 9.16 20.10 -1.29
N MET C 253 10.17 19.70 -2.09
CA MET C 253 10.26 20.05 -3.49
C MET C 253 9.13 19.36 -4.26
N SER C 254 8.57 20.06 -5.25
CA SER C 254 7.45 19.55 -6.03
C SER C 254 7.88 18.31 -6.84
N LYS C 255 9.09 18.37 -7.41
CA LYS C 255 9.62 17.34 -8.28
C LYS C 255 8.76 17.22 -9.54
N ALA C 256 8.06 18.31 -9.90
CA ALA C 256 7.21 18.32 -11.09
C ALA C 256 7.95 19.02 -12.22
N GLY C 257 8.88 18.27 -12.83
CA GLY C 257 9.72 18.79 -13.89
C GLY C 257 10.75 17.74 -14.29
N HIS C 258 11.63 18.08 -15.24
CA HIS C 258 12.53 17.10 -15.84
C HIS C 258 13.54 16.61 -14.81
N VAL C 259 13.63 15.28 -14.65
CA VAL C 259 14.60 14.66 -13.75
C VAL C 259 16.00 14.83 -14.32
N SER C 260 16.13 14.77 -15.65
CA SER C 260 17.42 14.89 -16.31
C SER C 260 18.05 16.26 -16.00
N LEU C 261 17.21 17.31 -15.97
CA LEU C 261 17.67 18.66 -15.68
C LEU C 261 17.97 18.77 -14.19
N ARG C 262 17.12 18.20 -13.35
CA ARG C 262 17.22 18.35 -11.91
C ARG C 262 18.45 17.60 -11.37
N ARG C 263 18.70 16.39 -11.87
CA ARG C 263 19.81 15.58 -11.39
C ARG C 263 21.15 16.20 -11.78
N ALA C 264 21.15 17.00 -12.86
CA ALA C 264 22.38 17.59 -13.38
C ALA C 264 22.89 18.70 -12.48
N LEU C 265 22.02 19.24 -11.60
CA LEU C 265 22.34 20.44 -10.83
C LEU C 265 22.89 20.10 -9.45
N TYR C 266 22.73 18.85 -8.98
CA TYR C 266 23.05 18.48 -7.62
C TYR C 266 24.53 18.67 -7.29
N MET C 267 25.43 18.09 -8.11
CA MET C 267 26.85 18.14 -7.81
C MET C 267 27.37 19.57 -8.00
N PRO C 268 26.98 20.33 -9.06
CA PRO C 268 27.26 21.76 -9.12
C PRO C 268 26.86 22.55 -7.88
N ALA C 269 25.73 22.17 -7.25
CA ALA C 269 25.27 22.82 -6.04
C ALA C 269 26.28 22.61 -4.90
N MET C 270 26.82 21.39 -4.77
CA MET C 270 27.84 21.10 -3.78
C MET C 270 29.10 21.90 -4.04
N VAL C 271 29.52 21.98 -5.31
CA VAL C 271 30.76 22.64 -5.66
C VAL C 271 30.63 24.13 -5.35
N ALA C 272 29.43 24.69 -5.57
CA ALA C 272 29.20 26.10 -5.33
C ALA C 272 29.20 26.39 -3.83
N THR C 273 28.43 25.63 -3.06
CA THR C 273 28.25 25.89 -1.63
C THR C 273 29.57 25.72 -0.88
N SER C 274 30.56 25.03 -1.47
CA SER C 274 31.77 24.68 -0.76
C SER C 274 32.97 25.48 -1.28
N LYS C 275 33.19 25.47 -2.61
CA LYS C 275 34.41 25.99 -3.18
C LYS C 275 34.31 27.49 -3.48
N THR C 276 33.11 27.96 -3.85
CA THR C 276 32.95 29.28 -4.43
C THR C 276 32.57 30.29 -3.36
N GLU C 277 32.90 31.57 -3.63
CA GLU C 277 32.72 32.66 -2.68
C GLU C 277 31.23 32.96 -2.51
N TRP C 278 30.52 33.13 -3.64
CA TRP C 278 29.10 33.49 -3.62
C TRP C 278 28.26 32.33 -3.08
N GLY C 279 28.72 31.10 -3.27
CA GLY C 279 28.02 29.91 -2.82
C GLY C 279 28.11 29.74 -1.30
N ARG C 280 29.34 29.84 -0.76
CA ARG C 280 29.55 29.76 0.68
C ARG C 280 28.65 30.76 1.40
N ALA C 281 28.62 32.00 0.90
CA ALA C 281 27.80 33.06 1.47
C ALA C 281 26.36 32.61 1.63
N PHE C 282 25.81 31.94 0.60
CA PHE C 282 24.44 31.45 0.62
C PHE C 282 24.30 30.36 1.67
N ARG C 283 25.25 29.41 1.70
CA ARG C 283 25.23 28.30 2.64
C ARG C 283 25.23 28.82 4.07
N ASP C 284 26.09 29.81 4.35
CA ASP C 284 26.27 30.35 5.70
C ASP C 284 24.96 30.97 6.19
N ARG C 285 24.35 31.83 5.36
CA ARG C 285 23.12 32.52 5.72
C ARG C 285 22.03 31.51 6.08
N LEU C 286 21.91 30.43 5.31
CA LEU C 286 20.87 29.43 5.52
C LEU C 286 21.23 28.55 6.71
N ALA C 287 22.53 28.32 6.94
CA ALA C 287 22.99 27.54 8.09
C ALA C 287 22.66 28.27 9.39
N ALA C 288 22.78 29.60 9.37
CA ALA C 288 22.50 30.44 10.53
C ALA C 288 21.03 30.32 10.93
N ASN C 289 20.13 30.24 9.94
CA ASN C 289 18.70 30.12 10.18
C ASN C 289 18.36 28.71 10.66
N GLY C 290 19.26 27.76 10.42
CA GLY C 290 19.12 26.41 10.96
C GLY C 290 18.56 25.45 9.92
N LYS C 291 19.33 25.25 8.83
CA LYS C 291 18.93 24.38 7.73
C LYS C 291 19.98 23.29 7.55
N LYS C 292 19.50 22.08 7.23
CA LYS C 292 20.36 20.89 7.19
C LYS C 292 21.05 20.83 5.83
N GLY C 293 22.06 19.95 5.73
CA GLY C 293 22.94 19.87 4.58
C GLY C 293 22.19 19.83 3.25
N LYS C 294 21.30 18.84 3.09
CA LYS C 294 20.63 18.60 1.83
C LYS C 294 19.53 19.65 1.57
N VAL C 295 19.01 20.27 2.64
CA VAL C 295 18.00 21.31 2.50
C VAL C 295 18.66 22.55 1.88
N ILE C 296 19.93 22.80 2.23
CA ILE C 296 20.67 23.91 1.66
C ILE C 296 20.99 23.59 0.19
N LEU C 297 21.36 22.33 -0.08
CA LEU C 297 21.68 21.90 -1.43
C LEU C 297 20.45 22.00 -2.32
N GLY C 298 19.29 21.57 -1.79
CA GLY C 298 18.02 21.76 -2.45
C GLY C 298 17.82 23.23 -2.86
N ALA C 299 18.06 24.13 -1.91
CA ALA C 299 17.91 25.57 -2.13
C ALA C 299 18.90 26.06 -3.19
N MET C 300 20.14 25.55 -3.16
CA MET C 300 21.16 26.01 -4.08
C MET C 300 20.85 25.53 -5.51
N MET C 301 20.33 24.30 -5.64
CA MET C 301 19.92 23.77 -6.93
C MET C 301 18.93 24.75 -7.60
N ARG C 302 17.91 25.18 -6.85
CA ARG C 302 16.91 26.11 -7.34
C ARG C 302 17.57 27.43 -7.76
N LYS C 303 18.54 27.89 -6.95
CA LYS C 303 19.18 29.18 -7.18
C LYS C 303 20.03 29.13 -8.45
N LEU C 304 20.78 28.04 -8.64
CA LEU C 304 21.60 27.88 -9.83
C LEU C 304 20.73 27.93 -11.08
N ALA C 305 19.60 27.21 -11.04
CA ALA C 305 18.66 27.19 -12.16
C ALA C 305 18.18 28.61 -12.47
N GLN C 306 17.83 29.36 -11.41
CA GLN C 306 17.24 30.68 -11.54
C GLN C 306 18.30 31.69 -12.01
N VAL C 307 19.53 31.58 -11.50
CA VAL C 307 20.60 32.48 -11.90
C VAL C 307 21.03 32.17 -13.34
N ALA C 308 21.03 30.88 -13.70
CA ALA C 308 21.41 30.46 -15.04
C ALA C 308 20.54 31.17 -16.09
N TYR C 309 19.22 31.19 -15.86
CA TYR C 309 18.30 31.83 -16.80
C TYR C 309 18.47 33.35 -16.72
N GLY C 310 18.75 33.86 -15.52
CA GLY C 310 19.03 35.27 -15.34
C GLY C 310 20.19 35.74 -16.20
N VAL C 311 21.34 35.07 -16.07
CA VAL C 311 22.57 35.46 -16.76
C VAL C 311 22.32 35.52 -18.27
N LEU C 312 21.55 34.55 -18.81
CA LEU C 312 21.33 34.47 -20.25
C LEU C 312 20.50 35.66 -20.73
N LYS C 313 19.45 36.02 -19.97
CA LYS C 313 18.64 37.19 -20.28
C LYS C 313 19.52 38.44 -20.34
N SER C 314 20.39 38.61 -19.35
CA SER C 314 21.26 39.77 -19.26
C SER C 314 22.19 39.84 -20.47
N GLY C 315 22.66 38.68 -20.94
CA GLY C 315 23.59 38.62 -22.07
C GLY C 315 25.01 39.00 -21.64
N VAL C 316 25.26 38.99 -20.32
CA VAL C 316 26.46 39.53 -19.72
C VAL C 316 27.06 38.50 -18.78
N PRO C 317 28.41 38.33 -18.70
CA PRO C 317 29.02 37.41 -17.75
C PRO C 317 28.49 37.54 -16.32
N PHE C 318 28.58 36.44 -15.56
CA PHE C 318 28.13 36.40 -14.18
C PHE C 318 28.85 37.49 -13.38
N ASP C 319 28.05 38.42 -12.83
CA ASP C 319 28.53 39.46 -11.93
C ASP C 319 28.23 39.04 -10.50
N ALA C 320 29.28 38.85 -9.69
CA ALA C 320 29.13 38.33 -8.34
C ALA C 320 28.52 39.37 -7.40
N SER C 321 28.63 40.66 -7.77
CA SER C 321 28.20 41.76 -6.93
C SER C 321 26.71 41.67 -6.60
N ARG C 322 25.91 41.11 -7.52
CA ARG C 322 24.47 41.03 -7.35
C ARG C 322 24.10 40.05 -6.24
N HIS C 323 25.05 39.19 -5.83
CA HIS C 323 24.81 38.19 -4.81
C HIS C 323 25.79 38.42 -3.65
N LEU D 7 30.67 -27.23 24.19
CA LEU D 7 30.43 -26.57 22.88
C LEU D 7 30.00 -25.12 23.12
N HIS D 8 30.78 -24.19 22.55
CA HIS D 8 30.48 -22.76 22.62
C HIS D 8 29.57 -22.38 21.46
N TYR D 9 28.86 -21.26 21.59
CA TYR D 9 27.99 -20.75 20.55
C TYR D 9 28.36 -19.29 20.26
N ILE D 10 29.10 -19.10 19.15
CA ILE D 10 29.62 -17.79 18.79
C ILE D 10 28.69 -17.18 17.74
N GLY D 11 28.51 -15.85 17.82
CA GLY D 11 27.82 -15.08 16.79
C GLY D 11 28.72 -13.96 16.28
N ILE D 12 28.73 -13.75 14.95
CA ILE D 12 29.57 -12.73 14.34
C ILE D 12 28.68 -11.78 13.53
N ASP D 13 28.62 -10.51 13.97
CA ASP D 13 27.97 -9.45 13.21
C ASP D 13 29.02 -8.80 12.32
N THR D 14 28.78 -8.81 11.00
CA THR D 14 29.78 -8.48 10.01
C THR D 14 29.47 -7.10 9.40
N ALA D 15 30.54 -6.39 9.03
CA ALA D 15 30.47 -5.19 8.22
C ALA D 15 31.70 -5.17 7.30
N LYS D 16 31.76 -4.19 6.39
CA LYS D 16 32.85 -4.11 5.43
C LYS D 16 34.19 -4.06 6.16
N GLU D 17 34.29 -3.22 7.19
CA GLU D 17 35.56 -2.87 7.81
C GLU D 17 35.78 -3.65 9.10
N LYS D 18 34.72 -3.82 9.91
CA LYS D 18 34.84 -4.32 11.27
C LYS D 18 34.03 -5.61 11.44
N LEU D 19 34.52 -6.49 12.32
CA LEU D 19 33.77 -7.63 12.81
C LEU D 19 33.40 -7.38 14.27
N ASP D 20 32.27 -7.98 14.69
CA ASP D 20 31.82 -7.92 16.08
C ASP D 20 31.47 -9.34 16.52
N VAL D 21 32.20 -9.86 17.53
CA VAL D 21 32.11 -11.25 17.92
C VAL D 21 31.52 -11.33 19.32
N ASP D 22 30.68 -12.35 19.56
CA ASP D 22 30.06 -12.60 20.85
C ASP D 22 30.04 -14.10 21.11
N VAL D 23 30.81 -14.54 22.11
CA VAL D 23 30.88 -15.94 22.48
C VAL D 23 29.87 -16.19 23.59
N LEU D 24 29.23 -17.37 23.57
CA LEU D 24 28.34 -17.79 24.64
C LEU D 24 28.88 -19.09 25.24
N ARG D 25 29.31 -19.00 26.50
CA ARG D 25 29.98 -20.11 27.17
C ARG D 25 28.92 -21.11 27.66
N PRO D 26 29.24 -22.42 27.79
CA PRO D 26 28.29 -23.38 28.33
C PRO D 26 27.63 -22.96 29.65
N ASP D 27 28.41 -22.29 30.51
CA ASP D 27 27.94 -21.82 31.80
C ASP D 27 26.92 -20.70 31.61
N GLY D 28 27.14 -19.83 30.61
CA GLY D 28 26.18 -18.80 30.25
C GLY D 28 26.79 -17.40 30.19
N ARG D 29 28.05 -17.25 30.63
CA ARG D 29 28.75 -15.98 30.57
C ARG D 29 29.17 -15.69 29.13
N HIS D 30 29.32 -14.39 28.81
CA HIS D 30 29.66 -13.96 27.47
C HIS D 30 31.12 -13.50 27.42
N ARG D 31 31.73 -13.61 26.24
CA ARG D 31 33.04 -13.04 25.96
C ARG D 31 32.98 -12.34 24.60
N THR D 32 33.14 -11.02 24.60
CA THR D 32 32.93 -10.19 23.42
C THR D 32 34.23 -9.45 23.08
N LYS D 33 34.48 -9.28 21.78
CA LYS D 33 35.65 -8.55 21.29
C LYS D 33 35.44 -8.20 19.82
N LYS D 34 35.82 -6.98 19.43
CA LYS D 34 35.70 -6.51 18.06
C LYS D 34 37.02 -6.72 17.33
N PHE D 35 36.96 -6.93 16.01
CA PHE D 35 38.13 -7.19 15.20
C PHE D 35 38.03 -6.40 13.89
N ALA D 36 39.18 -6.26 13.21
CA ALA D 36 39.20 -5.76 11.85
C ALA D 36 38.76 -6.88 10.90
N ASN D 37 38.18 -6.49 9.75
CA ASN D 37 37.74 -7.46 8.76
C ASN D 37 38.83 -7.56 7.69
N THR D 38 40.01 -8.03 8.11
CA THR D 38 41.18 -8.18 7.26
C THR D 38 41.82 -9.53 7.52
N THR D 39 42.79 -9.93 6.68
CA THR D 39 43.50 -11.19 6.85
C THR D 39 44.19 -11.21 8.21
N LYS D 40 44.76 -10.07 8.62
CA LYS D 40 45.39 -9.91 9.92
C LYS D 40 44.34 -10.06 11.02
N GLY D 41 43.18 -9.42 10.82
CA GLY D 41 42.08 -9.46 11.77
C GLY D 41 41.57 -10.89 12.00
N HIS D 42 41.46 -11.67 10.92
CA HIS D 42 40.92 -13.02 11.00
C HIS D 42 41.88 -13.95 11.75
N ASP D 43 43.19 -13.66 11.66
CA ASP D 43 44.20 -14.43 12.35
C ASP D 43 44.16 -14.15 13.85
N GLU D 44 43.83 -12.90 14.22
CA GLU D 44 43.67 -12.53 15.62
C GLU D 44 42.48 -13.29 16.22
N LEU D 45 41.39 -13.39 15.46
CA LEU D 45 40.17 -14.05 15.92
C LEU D 45 40.45 -15.50 16.27
N VAL D 46 41.10 -16.24 15.36
CA VAL D 46 41.36 -17.66 15.55
C VAL D 46 42.26 -17.85 16.78
N SER D 47 43.26 -16.96 16.93
CA SER D 47 44.17 -17.03 18.07
C SER D 47 43.44 -16.71 19.36
N TRP D 48 42.53 -15.73 19.31
CA TRP D 48 41.80 -15.28 20.48
C TRP D 48 40.84 -16.36 20.98
N LEU D 49 40.30 -17.17 20.06
CA LEU D 49 39.43 -18.27 20.42
C LEU D 49 40.27 -19.40 21.04
N LYS D 50 41.38 -19.75 20.38
CA LYS D 50 42.27 -20.80 20.86
C LYS D 50 42.99 -20.34 22.13
N GLY D 51 43.08 -19.01 22.31
CA GLY D 51 43.57 -18.43 23.55
C GLY D 51 42.74 -18.88 24.76
N HIS D 52 41.41 -18.77 24.64
CA HIS D 52 40.49 -19.11 25.71
C HIS D 52 40.07 -20.58 25.64
N LYS D 53 40.92 -21.42 25.01
CA LYS D 53 40.72 -22.85 24.94
C LYS D 53 39.34 -23.18 24.38
N ILE D 54 38.94 -22.46 23.32
CA ILE D 54 37.71 -22.75 22.60
C ILE D 54 38.08 -23.59 21.38
N ASP D 55 37.89 -24.91 21.50
CA ASP D 55 38.28 -25.86 20.47
C ASP D 55 37.07 -26.21 19.61
N HIS D 56 35.96 -26.57 20.27
CA HIS D 56 34.72 -26.91 19.58
C HIS D 56 33.71 -25.78 19.77
N ALA D 57 33.25 -25.22 18.64
CA ALA D 57 32.26 -24.14 18.66
C ALA D 57 31.38 -24.23 17.43
N HIS D 58 30.18 -23.64 17.53
CA HIS D 58 29.27 -23.49 16.41
C HIS D 58 29.11 -22.00 16.13
N ILE D 59 29.69 -21.53 15.00
CA ILE D 59 29.64 -20.13 14.64
C ILE D 59 28.44 -19.89 13.74
N CYS D 60 27.75 -18.76 13.95
CA CYS D 60 26.60 -18.38 13.16
C CYS D 60 26.83 -16.97 12.60
N ILE D 61 26.99 -16.88 11.27
CA ILE D 61 27.17 -15.63 10.56
C ILE D 61 25.96 -15.45 9.64
N GLU D 62 25.55 -14.21 9.38
CA GLU D 62 24.46 -13.96 8.46
C GLU D 62 25.02 -13.52 7.11
N ALA D 63 24.34 -13.92 6.03
CA ALA D 63 24.83 -13.80 4.68
C ALA D 63 24.58 -12.40 4.13
N THR D 64 25.50 -11.47 4.42
CA THR D 64 25.34 -10.07 4.05
C THR D 64 25.90 -9.82 2.65
N GLY D 65 26.92 -10.59 2.25
CA GLY D 65 27.46 -10.49 0.91
C GLY D 65 28.82 -11.15 0.79
N THR D 66 29.78 -10.45 0.17
CA THR D 66 31.09 -10.99 -0.14
C THR D 66 32.10 -10.59 0.94
N TYR D 67 31.69 -9.68 1.84
CA TYR D 67 32.60 -9.18 2.87
C TYR D 67 32.75 -10.20 3.99
N MET D 68 31.77 -11.09 4.15
CA MET D 68 31.75 -12.04 5.25
C MET D 68 32.22 -13.43 4.80
N GLU D 69 32.59 -13.56 3.51
CA GLU D 69 32.99 -14.85 2.98
C GLU D 69 34.41 -15.21 3.44
N PRO D 70 35.42 -14.30 3.42
CA PRO D 70 36.76 -14.64 3.88
C PRO D 70 36.82 -15.17 5.32
N VAL D 71 36.07 -14.54 6.24
CA VAL D 71 36.09 -14.92 7.64
C VAL D 71 35.40 -16.28 7.80
N ALA D 72 34.35 -16.54 7.00
CA ALA D 72 33.64 -17.81 7.05
C ALA D 72 34.56 -18.96 6.61
N GLU D 73 35.37 -18.72 5.58
CA GLU D 73 36.33 -19.70 5.09
C GLU D 73 37.45 -19.89 6.11
N CYS D 74 37.87 -18.79 6.74
CA CYS D 74 38.95 -18.81 7.73
C CYS D 74 38.61 -19.76 8.87
N LEU D 75 37.39 -19.65 9.40
CA LEU D 75 36.96 -20.41 10.56
C LEU D 75 36.68 -21.85 10.16
N TYR D 76 36.20 -22.06 8.92
CA TYR D 76 35.93 -23.38 8.39
C TYR D 76 37.25 -24.17 8.28
N ASP D 77 38.34 -23.46 7.93
CA ASP D 77 39.66 -24.06 7.82
C ASP D 77 40.22 -24.33 9.22
N ALA D 78 39.91 -23.44 10.17
CA ALA D 78 40.32 -23.62 11.56
C ALA D 78 39.65 -24.84 12.18
N GLY D 79 38.53 -25.30 11.57
CA GLY D 79 37.95 -26.59 11.90
C GLY D 79 36.66 -26.46 12.73
N TYR D 80 36.16 -25.23 12.91
CA TYR D 80 34.94 -24.99 13.64
C TYR D 80 33.73 -25.27 12.75
N ILE D 81 32.56 -25.42 13.38
CA ILE D 81 31.29 -25.56 12.67
C ILE D 81 30.79 -24.14 12.36
N VAL D 82 30.56 -23.86 11.07
CA VAL D 82 30.14 -22.55 10.61
C VAL D 82 28.76 -22.68 9.97
N SER D 83 27.84 -21.78 10.36
CA SER D 83 26.52 -21.71 9.76
C SER D 83 26.30 -20.31 9.19
N VAL D 84 26.09 -20.24 7.88
CA VAL D 84 25.83 -18.99 7.18
C VAL D 84 24.34 -18.89 6.94
N ILE D 85 23.66 -17.99 7.65
CA ILE D 85 22.20 -18.00 7.70
C ILE D 85 21.64 -16.89 6.80
N ASN D 86 20.46 -17.18 6.24
CA ASN D 86 19.66 -16.22 5.50
C ASN D 86 19.36 -15.02 6.40
N PRO D 87 19.62 -13.76 5.97
CA PRO D 87 19.44 -12.60 6.84
C PRO D 87 18.00 -12.37 7.32
N ALA D 88 17.02 -12.84 6.55
CA ALA D 88 15.62 -12.62 6.88
C ALA D 88 15.20 -13.46 8.08
N LEU D 89 15.88 -14.60 8.30
CA LEU D 89 15.62 -15.46 9.45
C LEU D 89 16.01 -14.70 10.72
N GLY D 90 17.16 -14.02 10.67
CA GLY D 90 17.65 -13.25 11.81
C GLY D 90 16.64 -12.22 12.29
N LYS D 91 16.12 -11.42 11.35
CA LYS D 91 15.13 -10.39 11.68
C LYS D 91 13.91 -11.04 12.32
N ALA D 92 13.45 -12.16 11.75
CA ALA D 92 12.28 -12.87 12.24
C ALA D 92 12.53 -13.40 13.65
N PHE D 93 13.76 -13.89 13.90
CA PHE D 93 14.13 -14.45 15.19
C PHE D 93 14.05 -13.38 16.27
N ALA D 94 14.53 -12.17 15.95
CA ALA D 94 14.53 -11.07 16.91
C ALA D 94 13.10 -10.72 17.34
N GLN D 95 12.15 -10.80 16.38
CA GLN D 95 10.76 -10.48 16.66
C GLN D 95 10.10 -11.61 17.45
N SER D 96 10.63 -12.83 17.34
CA SER D 96 10.12 -13.97 18.10
C SER D 96 10.59 -13.89 19.55
N GLU D 97 11.62 -13.10 19.82
CA GLU D 97 12.21 -12.99 21.15
C GLU D 97 11.51 -11.93 21.98
N GLY D 98 10.69 -11.07 21.36
CA GLY D 98 9.92 -10.08 22.11
C GLY D 98 9.06 -9.20 21.22
N LEU D 99 8.07 -8.55 21.82
CA LEU D 99 7.08 -7.76 21.10
C LEU D 99 7.62 -6.36 20.81
N ARG D 100 8.50 -5.84 21.68
CA ARG D 100 8.99 -4.48 21.57
C ARG D 100 10.50 -4.48 21.37
N ASN D 101 10.95 -5.23 20.34
CA ASN D 101 12.37 -5.34 20.03
C ASN D 101 12.69 -4.39 18.87
N LYS D 102 13.94 -3.92 18.82
CA LYS D 102 14.42 -3.06 17.75
C LYS D 102 14.45 -3.86 16.45
N THR D 103 13.78 -3.34 15.42
CA THR D 103 13.58 -4.06 14.17
C THR D 103 14.55 -3.52 13.10
N ASP D 104 15.71 -3.00 13.53
CA ASP D 104 16.71 -2.48 12.63
C ASP D 104 18.11 -2.91 13.06
N THR D 105 18.20 -4.05 13.76
CA THR D 105 19.48 -4.56 14.22
C THR D 105 19.34 -6.04 14.61
N VAL D 106 20.36 -6.82 14.23
CA VAL D 106 20.57 -8.16 14.76
C VAL D 106 22.06 -8.24 15.14
N ASP D 107 22.32 -8.11 16.44
CA ASP D 107 23.70 -8.00 16.94
C ASP D 107 24.28 -9.40 17.13
N ALA D 108 25.58 -9.45 17.44
CA ALA D 108 26.32 -10.70 17.57
C ALA D 108 25.77 -11.57 18.70
N ARG D 109 25.21 -10.93 19.75
CA ARG D 109 24.58 -11.62 20.85
C ARG D 109 23.35 -12.39 20.35
N MET D 110 22.53 -11.73 19.52
CA MET D 110 21.32 -12.32 18.98
C MET D 110 21.65 -13.55 18.13
N LEU D 111 22.77 -13.49 17.40
CA LEU D 111 23.19 -14.58 16.52
C LEU D 111 23.67 -15.76 17.35
N ALA D 112 24.24 -15.50 18.53
CA ALA D 112 24.71 -16.56 19.41
C ALA D 112 23.51 -17.35 19.95
N GLU D 113 22.44 -16.64 20.32
CA GLU D 113 21.21 -17.27 20.77
C GLU D 113 20.55 -18.04 19.62
N PHE D 114 20.49 -17.42 18.44
CA PHE D 114 19.99 -18.08 17.24
C PHE D 114 20.70 -19.43 17.09
N CYS D 115 22.02 -19.43 17.24
CA CYS D 115 22.83 -20.62 17.03
C CYS D 115 22.48 -21.69 18.06
N ARG D 116 22.27 -21.26 19.32
CA ARG D 116 22.04 -22.19 20.42
C ARG D 116 20.68 -22.88 20.24
N GLN D 117 19.64 -22.08 19.99
CA GLN D 117 18.26 -22.57 19.99
C GLN D 117 18.00 -23.46 18.78
N LYS D 118 18.49 -23.05 17.60
CA LYS D 118 18.09 -23.66 16.35
C LYS D 118 19.10 -24.68 15.85
N ARG D 119 20.37 -24.55 16.26
CA ARG D 119 21.44 -25.45 15.82
C ARG D 119 21.40 -25.60 14.30
N PRO D 120 21.55 -24.50 13.52
CA PRO D 120 21.38 -24.57 12.08
C PRO D 120 22.35 -25.53 11.39
N ALA D 121 22.01 -25.91 10.15
CA ALA D 121 22.82 -26.84 9.37
C ALA D 121 24.17 -26.21 9.05
N ALA D 122 25.19 -27.07 8.89
CA ALA D 122 26.55 -26.61 8.67
C ALA D 122 26.73 -26.12 7.23
N TRP D 123 27.57 -25.10 7.07
CA TRP D 123 27.88 -24.50 5.79
C TRP D 123 29.16 -25.12 5.24
N GLU D 124 29.27 -25.21 3.91
CA GLU D 124 30.41 -25.79 3.24
C GLU D 124 30.89 -24.85 2.15
N ALA D 125 32.20 -24.55 2.15
CA ALA D 125 32.78 -23.64 1.17
C ALA D 125 32.68 -24.26 -0.22
N PRO D 126 32.12 -23.54 -1.24
CA PRO D 126 31.94 -24.12 -2.56
C PRO D 126 33.25 -24.47 -3.26
N HIS D 127 33.19 -25.46 -4.15
CA HIS D 127 34.34 -25.90 -4.92
C HIS D 127 34.80 -24.74 -5.80
N PRO D 128 36.13 -24.49 -5.97
CA PRO D 128 36.59 -23.37 -6.78
C PRO D 128 36.00 -23.34 -8.19
N LEU D 129 35.69 -24.53 -8.73
CA LEU D 129 35.12 -24.67 -10.07
C LEU D 129 33.67 -24.21 -10.07
N GLU D 130 32.94 -24.51 -8.98
CA GLU D 130 31.55 -24.09 -8.83
C GLU D 130 31.46 -22.58 -8.71
N ARG D 131 32.39 -21.97 -7.96
CA ARG D 131 32.43 -20.53 -7.80
C ARG D 131 32.67 -19.85 -9.14
N ALA D 132 33.61 -20.38 -9.92
CA ALA D 132 33.96 -19.81 -11.21
C ALA D 132 32.76 -19.85 -12.16
N LEU D 133 32.04 -20.99 -12.17
CA LEU D 133 30.90 -21.16 -13.05
C LEU D 133 29.81 -20.16 -12.67
N ARG D 134 29.53 -20.02 -11.37
CA ARG D 134 28.47 -19.13 -10.93
C ARG D 134 28.83 -17.69 -11.26
N ALA D 135 30.13 -17.36 -11.20
CA ALA D 135 30.61 -16.01 -11.48
C ALA D 135 30.34 -15.66 -12.94
N LEU D 136 30.62 -16.59 -13.85
CA LEU D 136 30.48 -16.35 -15.27
C LEU D 136 28.99 -16.26 -15.65
N VAL D 137 28.16 -17.12 -15.04
CA VAL D 137 26.75 -17.16 -15.34
C VAL D 137 26.09 -15.86 -14.88
N VAL D 138 26.49 -15.35 -13.71
CA VAL D 138 25.96 -14.11 -13.17
C VAL D 138 26.39 -12.93 -14.04
N ARG D 139 27.63 -12.94 -14.54
CA ARG D 139 28.11 -11.90 -15.43
C ARG D 139 27.28 -11.92 -16.72
N HIS D 140 27.08 -13.12 -17.28
CA HIS D 140 26.33 -13.29 -18.53
C HIS D 140 24.94 -12.66 -18.40
N GLN D 141 24.32 -12.77 -17.23
CA GLN D 141 22.98 -12.26 -17.01
C GLN D 141 22.99 -10.73 -16.94
N ALA D 142 24.08 -10.16 -16.39
CA ALA D 142 24.20 -8.72 -16.28
C ALA D 142 24.35 -8.09 -17.66
N LEU D 143 25.15 -8.74 -18.53
CA LEU D 143 25.38 -8.26 -19.88
C LEU D 143 24.12 -8.44 -20.73
N THR D 144 23.33 -9.47 -20.45
CA THR D 144 22.07 -9.68 -21.15
C THR D 144 21.09 -8.56 -20.81
N ASP D 145 21.07 -8.12 -19.55
CA ASP D 145 20.19 -7.05 -19.10
C ASP D 145 20.58 -5.73 -19.77
N MET D 146 21.89 -5.46 -19.86
CA MET D 146 22.37 -4.23 -20.47
C MET D 146 22.07 -4.23 -21.97
N HIS D 147 22.10 -5.42 -22.60
CA HIS D 147 21.81 -5.55 -24.00
C HIS D 147 20.33 -5.23 -24.25
N THR D 148 19.46 -5.70 -23.34
CA THR D 148 18.03 -5.48 -23.45
C THR D 148 17.71 -3.99 -23.31
N GLN D 149 18.42 -3.30 -22.41
CA GLN D 149 18.22 -1.87 -22.21
C GLN D 149 18.49 -1.13 -23.51
N GLU D 150 19.65 -1.40 -24.14
CA GLU D 150 20.06 -0.72 -25.35
C GLU D 150 19.14 -1.08 -26.51
N LEU D 151 18.59 -2.30 -26.50
CA LEU D 151 17.71 -2.76 -27.55
C LEU D 151 16.35 -2.08 -27.46
N ASN D 152 15.86 -1.85 -26.23
CA ASN D 152 14.64 -1.09 -26.01
C ASN D 152 14.78 0.34 -26.54
N ARG D 153 16.00 0.90 -26.43
CA ARG D 153 16.24 2.29 -26.77
C ARG D 153 16.19 2.51 -28.29
N THR D 154 16.50 1.47 -29.08
CA THR D 154 16.51 1.60 -30.52
C THR D 154 15.11 1.95 -31.03
N GLU D 155 14.08 1.48 -30.32
CA GLU D 155 12.69 1.70 -30.72
C GLU D 155 12.43 3.18 -30.96
N THR D 156 12.76 4.02 -29.96
CA THR D 156 12.33 5.41 -29.95
C THR D 156 13.52 6.36 -30.10
N ALA D 157 14.71 5.83 -30.42
CA ALA D 157 15.92 6.63 -30.47
C ALA D 157 15.81 7.73 -31.52
N ARG D 158 16.39 8.89 -31.21
CA ARG D 158 16.58 9.96 -32.20
C ARG D 158 17.74 9.54 -33.09
N GLU D 159 17.76 10.06 -34.34
CA GLU D 159 18.68 9.59 -35.35
C GLU D 159 20.13 9.84 -34.95
N VAL D 160 20.38 10.90 -34.17
CA VAL D 160 21.74 11.25 -33.78
C VAL D 160 22.24 10.30 -32.69
N GLN D 161 21.31 9.63 -31.99
CA GLN D 161 21.65 8.70 -30.93
C GLN D 161 21.96 7.31 -31.48
N ARG D 162 21.43 6.99 -32.66
CA ARG D 162 21.42 5.62 -33.16
C ARG D 162 22.84 5.08 -33.40
N PRO D 163 23.80 5.85 -33.97
CA PRO D 163 25.17 5.36 -34.13
C PRO D 163 25.79 4.86 -32.82
N SER D 164 25.54 5.60 -31.73
CA SER D 164 26.08 5.25 -30.42
C SER D 164 25.48 3.93 -29.94
N ILE D 165 24.15 3.79 -30.06
CA ILE D 165 23.43 2.63 -29.52
C ILE D 165 23.82 1.39 -30.33
N ASP D 166 23.88 1.55 -31.66
CA ASP D 166 24.28 0.46 -32.56
C ASP D 166 25.66 -0.06 -32.18
N ALA D 167 26.60 0.86 -31.94
CA ALA D 167 27.98 0.50 -31.61
C ALA D 167 28.02 -0.31 -30.32
N HIS D 168 27.19 0.08 -29.34
CA HIS D 168 27.19 -0.57 -28.04
C HIS D 168 26.60 -1.98 -28.17
N LEU D 169 25.55 -2.13 -28.99
CA LEU D 169 24.91 -3.41 -29.20
C LEU D 169 25.90 -4.40 -29.83
N LEU D 170 26.71 -3.95 -30.80
CA LEU D 170 27.70 -4.82 -31.41
C LEU D 170 28.70 -5.28 -30.35
N TRP D 171 29.17 -4.36 -29.51
CA TRP D 171 30.14 -4.70 -28.49
C TRP D 171 29.55 -5.74 -27.53
N LEU D 172 28.33 -5.49 -27.06
CA LEU D 172 27.69 -6.34 -26.05
C LEU D 172 27.44 -7.73 -26.59
N GLU D 173 27.11 -7.84 -27.88
CA GLU D 173 26.83 -9.13 -28.51
C GLU D 173 28.12 -9.94 -28.60
N ALA D 174 29.22 -9.29 -28.99
CA ALA D 174 30.51 -9.94 -29.09
C ALA D 174 30.96 -10.44 -27.72
N GLU D 175 30.70 -9.64 -26.68
CA GLU D 175 31.15 -9.95 -25.32
C GLU D 175 30.34 -11.13 -24.78
N LEU D 176 29.03 -11.11 -25.02
CA LEU D 176 28.14 -12.20 -24.61
C LEU D 176 28.59 -13.50 -25.24
N LYS D 177 29.07 -13.44 -26.50
CA LYS D 177 29.47 -14.63 -27.23
C LYS D 177 30.79 -15.17 -26.68
N ARG D 178 31.64 -14.27 -26.19
CA ARG D 178 32.92 -14.65 -25.59
C ARG D 178 32.69 -15.40 -24.28
N LEU D 179 31.77 -14.89 -23.44
CA LEU D 179 31.48 -15.51 -22.16
C LEU D 179 30.88 -16.90 -22.35
N GLU D 180 29.96 -17.03 -23.31
CA GLU D 180 29.32 -18.31 -23.58
C GLU D 180 30.39 -19.36 -23.86
N LYS D 181 31.41 -18.99 -24.64
CA LYS D 181 32.49 -19.91 -24.98
C LYS D 181 33.34 -20.19 -23.75
N GLN D 182 33.52 -19.18 -22.91
CA GLN D 182 34.30 -19.30 -21.68
C GLN D 182 33.62 -20.25 -20.71
N ILE D 183 32.27 -20.23 -20.67
CA ILE D 183 31.49 -21.13 -19.84
C ILE D 183 31.61 -22.55 -20.40
N LYS D 184 31.45 -22.68 -21.72
CA LYS D 184 31.51 -23.98 -22.38
C LYS D 184 32.87 -24.62 -22.14
N ASP D 185 33.94 -23.83 -22.21
CA ASP D 185 35.30 -24.32 -22.01
C ASP D 185 35.49 -24.81 -20.58
N LEU D 186 34.79 -24.18 -19.63
CA LEU D 186 34.90 -24.53 -18.22
C LEU D 186 34.25 -25.89 -17.98
N THR D 187 33.04 -26.09 -18.51
CA THR D 187 32.26 -27.30 -18.24
C THR D 187 32.84 -28.48 -19.02
N ASP D 188 33.44 -28.22 -20.18
CA ASP D 188 34.02 -29.28 -21.00
C ASP D 188 35.30 -29.82 -20.39
N ASP D 189 36.06 -28.96 -19.70
CA ASP D 189 37.36 -29.34 -19.16
C ASP D 189 37.22 -30.21 -17.91
N ASP D 190 36.04 -30.20 -17.28
CA ASP D 190 35.77 -31.06 -16.13
C ASP D 190 34.81 -32.17 -16.55
N PRO D 191 35.19 -33.46 -16.44
CA PRO D 191 34.37 -34.55 -16.96
C PRO D 191 33.05 -34.74 -16.19
N ASP D 192 33.01 -34.32 -14.92
CA ASP D 192 31.80 -34.37 -14.12
C ASP D 192 30.80 -33.35 -14.64
N MET D 193 31.25 -32.11 -14.87
CA MET D 193 30.38 -31.05 -15.36
C MET D 193 29.97 -31.31 -16.81
N LYS D 194 30.88 -31.88 -17.61
CA LYS D 194 30.60 -32.15 -19.01
C LYS D 194 29.43 -33.14 -19.12
N HIS D 195 29.44 -34.17 -18.26
CA HIS D 195 28.43 -35.21 -18.28
C HIS D 195 27.11 -34.67 -17.73
N ARG D 196 27.18 -33.95 -16.59
CA ARG D 196 25.99 -33.44 -15.93
C ARG D 196 25.28 -32.44 -16.83
N ARG D 197 26.03 -31.64 -17.60
CA ARG D 197 25.45 -30.63 -18.47
C ARG D 197 24.74 -31.28 -19.64
N LYS D 198 25.26 -32.45 -20.09
CA LYS D 198 24.67 -33.17 -21.21
C LYS D 198 23.33 -33.78 -20.78
N LEU D 199 23.24 -34.23 -19.53
CA LEU D 199 22.01 -34.82 -19.01
C LEU D 199 20.92 -33.75 -18.92
N LEU D 200 21.29 -32.55 -18.47
CA LEU D 200 20.33 -31.45 -18.33
C LEU D 200 19.77 -31.06 -19.70
N GLU D 201 20.63 -31.05 -20.72
CA GLU D 201 20.24 -30.59 -22.04
C GLU D 201 19.45 -31.65 -22.80
N SER D 202 19.30 -32.86 -22.22
CA SER D 202 18.46 -33.89 -22.80
C SER D 202 16.98 -33.61 -22.49
N ILE D 203 16.72 -32.75 -21.50
CA ILE D 203 15.36 -32.40 -21.13
C ILE D 203 14.79 -31.43 -22.17
N PRO D 204 13.66 -31.75 -22.84
CA PRO D 204 13.07 -30.83 -23.83
C PRO D 204 12.59 -29.52 -23.21
N GLY D 205 13.23 -28.42 -23.59
CA GLY D 205 12.98 -27.11 -23.02
C GLY D 205 14.19 -26.56 -22.27
N ILE D 206 15.20 -27.41 -22.03
CA ILE D 206 16.45 -26.98 -21.43
C ILE D 206 17.52 -26.94 -22.52
N GLY D 207 18.13 -25.76 -22.73
CA GLY D 207 19.14 -25.57 -23.75
C GLY D 207 20.49 -25.22 -23.13
N GLU D 208 21.31 -24.49 -23.88
CA GLU D 208 22.68 -24.18 -23.48
C GLU D 208 22.68 -23.22 -22.30
N LYS D 209 21.83 -22.19 -22.34
CA LYS D 209 21.87 -21.13 -21.35
C LYS D 209 21.31 -21.61 -20.02
N THR D 210 20.21 -22.38 -20.06
CA THR D 210 19.52 -22.78 -18.84
C THR D 210 20.34 -23.84 -18.11
N SER D 211 20.97 -24.76 -18.86
CA SER D 211 21.75 -25.83 -18.25
C SER D 211 22.90 -25.24 -17.43
N ALA D 212 23.54 -24.18 -17.95
CA ALA D 212 24.64 -23.53 -17.25
C ALA D 212 24.14 -22.92 -15.93
N VAL D 213 22.94 -22.34 -15.94
CA VAL D 213 22.37 -21.77 -14.73
C VAL D 213 22.13 -22.91 -13.74
N LEU D 214 21.50 -23.99 -14.21
CA LEU D 214 21.10 -25.08 -13.33
C LEU D 214 22.31 -25.69 -12.63
N LEU D 215 23.42 -25.88 -13.37
CA LEU D 215 24.64 -26.43 -12.78
C LEU D 215 25.17 -25.49 -11.71
N ALA D 216 25.14 -24.18 -11.97
CA ALA D 216 25.73 -23.20 -11.06
C ALA D 216 25.08 -23.25 -9.68
N TYR D 217 23.83 -23.73 -9.58
CA TYR D 217 23.10 -23.75 -8.33
C TYR D 217 22.99 -25.17 -7.78
N ILE D 218 22.76 -26.17 -8.63
CA ILE D 218 22.72 -27.55 -8.19
C ILE D 218 24.12 -27.94 -7.69
N GLY D 219 25.16 -27.59 -8.47
CA GLY D 219 26.54 -27.82 -8.07
C GLY D 219 27.06 -29.17 -8.57
N LEU D 220 28.27 -29.53 -8.12
CA LEU D 220 28.91 -30.79 -8.47
C LEU D 220 28.27 -31.93 -7.68
N LYS D 221 28.21 -31.76 -6.35
CA LYS D 221 27.68 -32.76 -5.45
C LYS D 221 26.16 -32.62 -5.39
N ASP D 222 25.50 -33.64 -4.84
CA ASP D 222 24.06 -33.63 -4.62
C ASP D 222 23.77 -33.10 -3.21
N ARG D 223 23.58 -31.78 -3.11
CA ARG D 223 23.39 -31.11 -1.83
C ARG D 223 21.99 -31.40 -1.29
N PHE D 224 21.03 -31.60 -2.19
CA PHE D 224 19.63 -31.78 -1.81
C PHE D 224 19.32 -33.27 -1.76
N ALA D 225 18.55 -33.68 -0.73
CA ALA D 225 18.19 -35.08 -0.57
C ALA D 225 17.07 -35.46 -1.55
N HIS D 226 16.16 -34.52 -1.81
CA HIS D 226 15.00 -34.78 -2.67
C HIS D 226 14.80 -33.62 -3.63
N ALA D 227 14.21 -33.94 -4.79
CA ALA D 227 14.00 -32.99 -5.88
C ALA D 227 13.04 -31.88 -5.45
N ARG D 228 12.10 -32.20 -4.56
CA ARG D 228 11.12 -31.24 -4.06
C ARG D 228 11.80 -30.15 -3.26
N GLN D 229 12.91 -30.48 -2.59
CA GLN D 229 13.65 -29.50 -1.81
C GLN D 229 14.32 -28.47 -2.73
N PHE D 230 14.79 -28.93 -3.89
CA PHE D 230 15.42 -28.04 -4.85
C PHE D 230 14.38 -27.10 -5.46
N ALA D 231 13.15 -27.60 -5.66
CA ALA D 231 12.05 -26.76 -6.12
C ALA D 231 11.77 -25.65 -5.09
N ALA D 232 11.77 -26.02 -3.81
CA ALA D 232 11.59 -25.07 -2.73
C ALA D 232 12.73 -24.05 -2.72
N PHE D 233 13.95 -24.53 -2.97
CA PHE D 233 15.15 -23.70 -2.93
C PHE D 233 15.08 -22.58 -3.98
N ALA D 234 14.36 -22.81 -5.09
CA ALA D 234 14.24 -21.83 -6.16
C ALA D 234 13.06 -20.88 -5.92
N GLY D 235 12.19 -21.20 -4.95
CA GLY D 235 11.07 -20.36 -4.60
C GLY D 235 9.90 -20.56 -5.55
N LEU D 236 9.64 -21.82 -5.93
CA LEU D 236 8.71 -22.16 -6.99
C LEU D 236 7.49 -22.91 -6.47
N THR D 237 7.53 -23.37 -5.21
CA THR D 237 6.45 -24.19 -4.68
C THR D 237 5.30 -23.28 -4.27
N PRO D 238 4.01 -23.71 -4.38
CA PRO D 238 2.91 -22.86 -3.95
C PRO D 238 2.84 -22.71 -2.44
N ARG D 239 2.54 -21.50 -1.97
CA ARG D 239 2.44 -21.21 -0.55
C ARG D 239 0.99 -21.36 -0.11
N ARG D 240 0.71 -22.41 0.67
CA ARG D 240 -0.65 -22.67 1.14
C ARG D 240 -0.90 -21.85 2.40
N TYR D 241 -2.10 -21.29 2.53
CA TYR D 241 -2.46 -20.43 3.64
C TYR D 241 -3.86 -20.79 4.12
N GLU D 242 -3.92 -21.61 5.18
CA GLU D 242 -5.18 -22.15 5.68
C GLU D 242 -5.20 -22.03 7.21
N SER D 243 -6.39 -21.75 7.77
CA SER D 243 -6.60 -21.85 9.21
C SER D 243 -8.09 -22.00 9.52
N GLY D 244 -8.41 -22.97 10.36
CA GLY D 244 -9.77 -23.21 10.82
C GLY D 244 -10.74 -23.36 9.65
N SER D 245 -11.88 -22.66 9.73
CA SER D 245 -12.89 -22.64 8.69
C SER D 245 -12.87 -21.31 7.95
N SER D 246 -12.70 -20.21 8.70
CA SER D 246 -12.84 -18.87 8.16
C SER D 246 -11.71 -18.54 7.19
N VAL D 247 -10.46 -18.78 7.61
CA VAL D 247 -9.29 -18.29 6.89
C VAL D 247 -9.00 -19.26 5.72
N ARG D 248 -9.11 -18.75 4.50
CA ARG D 248 -8.79 -19.50 3.30
C ARG D 248 -8.15 -18.56 2.28
N GLY D 249 -6.83 -18.35 2.42
CA GLY D 249 -6.08 -17.55 1.45
C GLY D 249 -5.86 -18.33 0.15
N ALA D 250 -5.61 -17.58 -0.93
CA ALA D 250 -5.38 -18.19 -2.24
C ALA D 250 -3.91 -18.60 -2.35
N SER D 251 -3.67 -19.81 -2.87
CA SER D 251 -2.32 -20.30 -3.09
C SER D 251 -1.64 -19.43 -4.17
N ARG D 252 -0.39 -19.04 -3.88
CA ARG D 252 0.43 -18.26 -4.79
C ARG D 252 1.84 -18.83 -4.76
N MET D 253 2.65 -18.50 -5.76
CA MET D 253 4.05 -18.88 -5.79
C MET D 253 4.75 -18.22 -4.61
N SER D 254 5.49 -19.01 -3.82
CA SER D 254 6.07 -18.53 -2.58
C SER D 254 7.09 -17.43 -2.87
N LYS D 255 7.98 -17.67 -3.84
CA LYS D 255 9.04 -16.74 -4.24
C LYS D 255 10.12 -16.66 -3.17
N ALA D 256 9.99 -17.44 -2.09
CA ALA D 256 11.00 -17.50 -1.05
C ALA D 256 12.13 -18.44 -1.47
N GLY D 257 13.01 -17.96 -2.34
CA GLY D 257 14.09 -18.76 -2.87
C GLY D 257 14.90 -17.96 -3.87
N HIS D 258 15.88 -18.61 -4.50
CA HIS D 258 16.91 -17.89 -5.25
C HIS D 258 16.34 -17.32 -6.54
N VAL D 259 16.46 -16.00 -6.69
CA VAL D 259 15.82 -15.25 -7.76
C VAL D 259 16.44 -15.62 -9.12
N SER D 260 17.77 -15.81 -9.13
CA SER D 260 18.50 -16.09 -10.37
C SER D 260 18.08 -17.43 -10.96
N LEU D 261 17.71 -18.40 -10.12
CA LEU D 261 17.13 -19.65 -10.58
C LEU D 261 15.74 -19.38 -11.15
N ARG D 262 14.89 -18.74 -10.35
CA ARG D 262 13.50 -18.51 -10.71
C ARG D 262 13.42 -17.74 -12.02
N ARG D 263 14.36 -16.79 -12.22
CA ARG D 263 14.42 -15.99 -13.43
C ARG D 263 14.68 -16.86 -14.66
N ALA D 264 15.55 -17.87 -14.52
CA ALA D 264 16.10 -18.58 -15.65
C ALA D 264 15.10 -19.56 -16.27
N LEU D 265 14.01 -19.90 -15.55
CA LEU D 265 13.19 -21.03 -15.92
C LEU D 265 11.91 -20.62 -16.66
N TYR D 266 11.59 -19.33 -16.72
CA TYR D 266 10.30 -18.89 -17.25
C TYR D 266 10.20 -19.12 -18.75
N MET D 267 11.26 -18.81 -19.52
CA MET D 267 11.22 -19.03 -20.95
C MET D 267 11.29 -20.53 -21.26
N PRO D 268 12.20 -21.34 -20.65
CA PRO D 268 12.12 -22.79 -20.75
C PRO D 268 10.73 -23.37 -20.52
N ALA D 269 10.01 -22.84 -19.52
CA ALA D 269 8.67 -23.30 -19.19
C ALA D 269 7.71 -23.02 -20.34
N MET D 270 7.89 -21.86 -20.98
CA MET D 270 7.04 -21.43 -22.08
C MET D 270 7.34 -22.24 -23.33
N VAL D 271 8.61 -22.63 -23.50
CA VAL D 271 9.03 -23.45 -24.63
C VAL D 271 8.52 -24.89 -24.44
N ALA D 272 8.54 -25.38 -23.20
CA ALA D 272 8.09 -26.74 -22.92
C ALA D 272 6.60 -26.87 -23.19
N THR D 273 5.78 -25.98 -22.59
CA THR D 273 4.33 -26.11 -22.65
C THR D 273 3.81 -25.84 -24.05
N SER D 274 4.63 -25.26 -24.94
CA SER D 274 4.16 -24.85 -26.26
C SER D 274 4.61 -25.83 -27.34
N LYS D 275 5.83 -26.36 -27.24
CA LYS D 275 6.49 -26.98 -28.38
C LYS D 275 6.85 -28.45 -28.14
N THR D 276 6.75 -28.93 -26.89
CA THR D 276 7.16 -30.28 -26.56
C THR D 276 5.93 -31.12 -26.20
N GLU D 277 6.05 -32.45 -26.32
CA GLU D 277 4.94 -33.36 -26.07
C GLU D 277 4.66 -33.45 -24.58
N TRP D 278 5.70 -33.71 -23.78
CA TRP D 278 5.53 -33.87 -22.33
C TRP D 278 5.08 -32.56 -21.71
N GLY D 279 5.48 -31.43 -22.33
CA GLY D 279 5.09 -30.11 -21.86
C GLY D 279 3.64 -29.81 -22.15
N ARG D 280 3.21 -30.04 -23.41
CA ARG D 280 1.84 -29.82 -23.83
C ARG D 280 0.89 -30.73 -23.05
N ALA D 281 1.32 -31.98 -22.80
CA ALA D 281 0.54 -32.92 -22.00
C ALA D 281 0.20 -32.31 -20.65
N PHE D 282 1.21 -31.75 -19.97
CA PHE D 282 1.03 -31.12 -18.67
C PHE D 282 0.11 -29.90 -18.80
N ARG D 283 0.35 -29.08 -19.83
CA ARG D 283 -0.41 -27.86 -20.06
C ARG D 283 -1.89 -28.18 -20.21
N ASP D 284 -2.20 -29.26 -20.95
CA ASP D 284 -3.56 -29.61 -21.30
C ASP D 284 -4.33 -30.04 -20.05
N ARG D 285 -3.71 -30.89 -19.22
CA ARG D 285 -4.35 -31.42 -18.02
C ARG D 285 -4.75 -30.28 -17.08
N LEU D 286 -3.82 -29.36 -16.82
CA LEU D 286 -4.08 -28.25 -15.92
C LEU D 286 -5.13 -27.31 -16.53
N ALA D 287 -5.04 -27.11 -17.86
CA ALA D 287 -5.96 -26.23 -18.56
C ALA D 287 -7.39 -26.77 -18.44
N ALA D 288 -7.54 -28.10 -18.60
CA ALA D 288 -8.82 -28.77 -18.41
C ALA D 288 -9.34 -28.51 -17.00
N ASN D 289 -8.45 -28.58 -16.01
CA ASN D 289 -8.81 -28.45 -14.60
C ASN D 289 -9.12 -26.99 -14.26
N GLY D 290 -8.83 -26.06 -15.18
CA GLY D 290 -9.35 -24.71 -15.11
C GLY D 290 -8.27 -23.67 -14.76
N LYS D 291 -7.00 -23.97 -15.06
CA LYS D 291 -5.89 -23.10 -14.69
C LYS D 291 -5.59 -22.13 -15.84
N LYS D 292 -5.27 -20.88 -15.49
CA LYS D 292 -5.00 -19.84 -16.47
C LYS D 292 -3.59 -20.02 -17.05
N GLY D 293 -3.28 -19.25 -18.10
CA GLY D 293 -2.07 -19.41 -18.87
C GLY D 293 -0.79 -19.29 -18.02
N LYS D 294 -0.67 -18.18 -17.29
CA LYS D 294 0.55 -17.86 -16.57
C LYS D 294 0.66 -18.71 -15.30
N VAL D 295 -0.47 -19.24 -14.84
CA VAL D 295 -0.51 -20.14 -13.69
C VAL D 295 0.10 -21.48 -14.08
N ILE D 296 -0.14 -21.91 -15.33
CA ILE D 296 0.42 -23.15 -15.85
C ILE D 296 1.92 -22.99 -16.04
N LEU D 297 2.37 -21.79 -16.41
CA LEU D 297 3.78 -21.53 -16.57
C LEU D 297 4.48 -21.66 -15.22
N GLY D 298 3.90 -21.06 -14.18
CA GLY D 298 4.41 -21.19 -12.82
C GLY D 298 4.58 -22.66 -12.43
N ALA D 299 3.57 -23.48 -12.74
CA ALA D 299 3.58 -24.90 -12.41
C ALA D 299 4.67 -25.64 -13.20
N MET D 300 4.86 -25.27 -14.48
CA MET D 300 5.85 -25.92 -15.32
C MET D 300 7.26 -25.51 -14.88
N MET D 301 7.42 -24.28 -14.40
CA MET D 301 8.70 -23.82 -13.85
C MET D 301 9.14 -24.73 -12.71
N ARG D 302 8.22 -25.03 -11.78
CA ARG D 302 8.50 -25.91 -10.66
C ARG D 302 8.86 -27.31 -11.16
N LYS D 303 8.12 -27.79 -12.18
CA LYS D 303 8.32 -29.14 -12.69
C LYS D 303 9.70 -29.27 -13.34
N LEU D 304 10.11 -28.27 -14.12
CA LEU D 304 11.41 -28.28 -14.78
C LEU D 304 12.52 -28.34 -13.73
N ALA D 305 12.39 -27.55 -12.65
CA ALA D 305 13.36 -27.55 -11.57
C ALA D 305 13.45 -28.95 -10.97
N GLN D 306 12.30 -29.59 -10.79
CA GLN D 306 12.21 -30.85 -10.07
C GLN D 306 12.67 -32.01 -10.96
N VAL D 307 12.45 -31.90 -12.28
CA VAL D 307 12.93 -32.91 -13.22
C VAL D 307 14.43 -32.72 -13.45
N ALA D 308 14.88 -31.46 -13.50
CA ALA D 308 16.30 -31.18 -13.65
C ALA D 308 17.11 -31.93 -12.58
N TYR D 309 16.65 -31.83 -11.33
CA TYR D 309 17.34 -32.48 -10.22
C TYR D 309 17.18 -34.00 -10.33
N GLY D 310 15.95 -34.45 -10.61
CA GLY D 310 15.64 -35.86 -10.76
C GLY D 310 16.57 -36.55 -11.77
N VAL D 311 16.67 -35.98 -12.97
CA VAL D 311 17.45 -36.54 -14.05
C VAL D 311 18.90 -36.73 -13.59
N LEU D 312 19.47 -35.70 -12.94
CA LEU D 312 20.87 -35.73 -12.55
C LEU D 312 21.09 -36.86 -11.53
N LYS D 313 20.17 -37.00 -10.57
CA LYS D 313 20.21 -38.13 -9.64
C LYS D 313 20.16 -39.44 -10.43
N SER D 314 19.17 -39.59 -11.32
CA SER D 314 18.98 -40.82 -12.06
C SER D 314 20.26 -41.18 -12.82
N GLY D 315 20.94 -40.16 -13.36
CA GLY D 315 22.23 -40.35 -14.00
C GLY D 315 22.09 -40.81 -15.45
N VAL D 316 20.85 -40.81 -15.98
CA VAL D 316 20.59 -41.25 -17.35
C VAL D 316 19.86 -40.11 -18.07
N PRO D 317 19.92 -40.03 -19.43
CA PRO D 317 19.19 -39.01 -20.17
C PRO D 317 17.70 -38.95 -19.86
N PHE D 318 17.06 -37.84 -20.25
CA PHE D 318 15.62 -37.66 -20.06
C PHE D 318 14.87 -38.77 -20.79
N ASP D 319 13.96 -39.43 -20.06
CA ASP D 319 13.07 -40.45 -20.59
C ASP D 319 11.63 -39.93 -20.53
N ALA D 320 10.97 -39.90 -21.70
CA ALA D 320 9.61 -39.37 -21.79
C ALA D 320 8.60 -40.34 -21.20
N SER D 321 8.96 -41.64 -21.16
CA SER D 321 8.05 -42.68 -20.68
C SER D 321 7.70 -42.48 -19.20
N ARG D 322 8.58 -41.78 -18.46
CA ARG D 322 8.35 -41.48 -17.05
C ARG D 322 7.32 -40.37 -16.90
N HIS D 323 6.94 -39.73 -18.01
CA HIS D 323 5.95 -38.67 -18.01
C HIS D 323 4.84 -39.01 -19.01
MG MG K . -3.55 -20.89 14.84
MG MG L . -3.86 8.64 -24.17
#